data_7A58
#
_entry.id   7A58
#
loop_
_entity.id
_entity.type
_entity.pdbx_description
1 polymer PioC
2 non-polymer 'IRON/SULFUR CLUSTER'
#
_entity_poly.entity_id   1
_entity_poly.type   'polypeptide(L)'
_entity_poly.pdbx_seq_one_letter_code
;VTKKASHKDAGYQESPNGAKRCGTCRQFRPPSSCITVESPISENGWCRLYAGKA
;
_entity_poly.pdbx_strand_id   A
#
loop_
_chem_comp.id
_chem_comp.type
_chem_comp.name
_chem_comp.formula
SF4 non-polymer 'IRON/SULFUR CLUSTER' 'Fe4 S4'
#
# COMPACT_ATOMS: atom_id res chain seq x y z
N VAL A 1 -5.92 19.32 -0.45
CA VAL A 1 -5.60 18.04 0.24
C VAL A 1 -4.11 17.92 0.56
N THR A 2 -3.72 17.30 1.68
CA THR A 2 -2.30 17.01 1.99
C THR A 2 -1.72 16.04 0.96
N LYS A 3 -0.47 16.26 0.54
CA LYS A 3 0.22 15.46 -0.48
C LYS A 3 0.42 14.01 -0.05
N LYS A 4 0.18 13.07 -0.97
CA LYS A 4 0.41 11.63 -0.78
C LYS A 4 1.88 11.24 -0.91
N ALA A 5 2.22 10.09 -0.36
CA ALA A 5 3.56 9.51 -0.52
C ALA A 5 3.72 8.90 -1.92
N SER A 6 4.87 9.13 -2.56
CA SER A 6 5.24 8.45 -3.80
C SER A 6 5.50 6.95 -3.56
N HIS A 7 5.50 6.15 -4.63
CA HIS A 7 5.86 4.72 -4.54
C HIS A 7 7.30 4.52 -4.03
N LYS A 8 8.17 5.52 -4.19
CA LYS A 8 9.46 5.67 -3.52
C LYS A 8 9.34 5.89 -2.00
N ASP A 9 8.67 6.96 -1.58
CA ASP A 9 8.56 7.38 -0.18
C ASP A 9 7.64 6.52 0.70
N ALA A 10 6.77 5.71 0.10
CA ALA A 10 6.05 4.62 0.78
C ALA A 10 6.84 3.30 0.84
N GLY A 11 7.95 3.19 0.11
CA GLY A 11 8.78 1.98 0.06
C GLY A 11 8.12 0.79 -0.65
N TYR A 12 7.35 1.03 -1.71
CA TYR A 12 6.70 -0.02 -2.51
C TYR A 12 7.72 -1.02 -3.08
N GLN A 13 7.33 -2.30 -3.12
CA GLN A 13 8.09 -3.41 -3.68
C GLN A 13 7.25 -4.26 -4.65
N GLU A 14 7.89 -4.87 -5.65
CA GLU A 14 7.22 -5.68 -6.69
C GLU A 14 6.72 -7.05 -6.19
N SER A 15 7.05 -7.43 -4.95
CA SER A 15 6.54 -8.65 -4.29
C SER A 15 6.13 -8.40 -2.84
N PRO A 16 5.10 -9.11 -2.33
CA PRO A 16 4.54 -8.89 -0.99
C PRO A 16 5.49 -9.38 0.11
N ASN A 17 5.25 -9.03 1.37
CA ASN A 17 6.12 -9.38 2.49
C ASN A 17 5.46 -10.44 3.39
N GLY A 18 5.70 -11.73 3.10
CA GLY A 18 5.05 -12.84 3.79
C GLY A 18 3.53 -12.74 3.69
N ALA A 19 2.87 -12.61 4.83
CA ALA A 19 1.42 -12.42 4.94
C ALA A 19 0.96 -10.95 4.83
N LYS A 20 1.88 -9.98 4.73
CA LYS A 20 1.60 -8.54 4.65
C LYS A 20 1.54 -8.09 3.18
N ARG A 21 0.35 -7.65 2.74
CA ARG A 21 0.01 -7.36 1.33
C ARG A 21 -1.08 -6.30 1.20
N CYS A 22 -1.01 -5.47 0.16
CA CYS A 22 -2.00 -4.46 -0.22
C CYS A 22 -3.42 -5.02 -0.40
N GLY A 23 -3.59 -6.05 -1.23
CA GLY A 23 -4.86 -6.75 -1.47
C GLY A 23 -5.52 -7.40 -0.24
N THR A 24 -4.87 -7.40 0.92
CA THR A 24 -5.45 -7.78 2.23
C THR A 24 -5.34 -6.67 3.29
N CYS A 25 -4.66 -5.56 3.01
CA CYS A 25 -4.41 -4.44 3.91
C CYS A 25 -5.65 -3.61 4.26
N ARG A 26 -5.70 -3.08 5.49
CA ARG A 26 -6.76 -2.20 5.99
C ARG A 26 -6.85 -0.84 5.29
N GLN A 27 -5.83 -0.45 4.52
CA GLN A 27 -5.69 0.88 3.92
C GLN A 27 -6.09 0.97 2.43
N PHE A 28 -6.29 -0.18 1.77
CA PHE A 28 -6.18 -0.34 0.31
C PHE A 28 -7.35 0.20 -0.54
N ARG A 29 -8.56 0.25 0.00
CA ARG A 29 -9.83 0.58 -0.70
C ARG A 29 -9.96 -0.09 -2.09
N PRO A 30 -10.40 -1.37 -2.17
CA PRO A 30 -10.61 -2.07 -3.43
C PRO A 30 -11.46 -1.27 -4.46
N PRO A 31 -11.16 -1.34 -5.77
CA PRO A 31 -10.17 -2.22 -6.39
C PRO A 31 -8.70 -1.76 -6.24
N SER A 32 -8.41 -0.46 -6.09
CA SER A 32 -7.03 0.06 -6.01
C SER A 32 -6.98 1.54 -5.59
N SER A 33 -7.08 1.88 -4.29
CA SER A 33 -6.93 3.27 -3.81
C SER A 33 -6.43 3.38 -2.36
N CYS A 34 -5.19 2.97 -2.15
CA CYS A 34 -4.50 3.02 -0.86
C CYS A 34 -4.42 4.45 -0.31
N ILE A 35 -4.73 4.66 0.97
CA ILE A 35 -4.60 5.97 1.62
C ILE A 35 -3.16 6.29 2.07
N THR A 36 -2.22 5.35 1.93
CA THR A 36 -0.80 5.52 2.30
C THR A 36 0.05 6.02 1.13
N VAL A 37 -0.29 5.66 -0.11
CA VAL A 37 0.55 5.87 -1.32
C VAL A 37 -0.27 6.36 -2.53
N GLU A 38 0.40 6.98 -3.51
CA GLU A 38 -0.18 7.39 -4.80
C GLU A 38 -0.87 6.25 -5.59
N SER A 39 -1.79 6.62 -6.49
CA SER A 39 -2.67 5.72 -7.25
C SER A 39 -2.19 5.53 -8.70
N PRO A 40 -2.26 4.32 -9.30
CA PRO A 40 -2.80 3.07 -8.74
C PRO A 40 -1.81 2.34 -7.81
N ILE A 41 -2.30 1.28 -7.17
CA ILE A 41 -1.56 0.35 -6.30
C ILE A 41 -1.89 -1.11 -6.67
N SER A 42 -0.88 -1.97 -6.83
CA SER A 42 -1.04 -3.39 -7.19
C SER A 42 -1.68 -4.24 -6.08
N GLU A 43 -2.29 -5.37 -6.44
CA GLU A 43 -2.86 -6.36 -5.51
C GLU A 43 -1.86 -6.91 -4.48
N ASN A 44 -0.57 -6.97 -4.79
CA ASN A 44 0.46 -7.58 -3.95
C ASN A 44 1.12 -6.53 -3.03
N GLY A 45 1.94 -5.64 -3.59
CA GLY A 45 2.48 -4.43 -2.93
C GLY A 45 3.25 -4.68 -1.64
N TRP A 46 2.71 -4.22 -0.51
CA TRP A 46 3.39 -3.87 0.75
C TRP A 46 4.15 -2.53 0.70
N CYS A 47 4.04 -1.79 1.81
CA CYS A 47 4.73 -0.53 2.09
C CYS A 47 5.53 -0.59 3.39
N ARG A 48 6.51 0.32 3.54
CA ARG A 48 7.33 0.52 4.75
C ARG A 48 6.55 1.08 5.96
N LEU A 49 5.23 1.24 5.89
CA LEU A 49 4.37 1.64 7.01
C LEU A 49 3.59 0.43 7.57
N TYR A 50 3.72 0.19 8.88
CA TYR A 50 3.07 -0.90 9.61
C TYR A 50 1.56 -0.68 9.81
N ALA A 51 0.80 -1.78 9.95
CA ALA A 51 -0.58 -1.79 10.43
C ALA A 51 -0.86 -2.95 11.41
N GLY A 52 -1.67 -2.70 12.44
CA GLY A 52 -2.05 -3.66 13.48
C GLY A 52 -3.07 -4.74 13.04
N LYS A 53 -3.72 -4.52 11.90
CA LYS A 53 -4.60 -5.48 11.22
C LYS A 53 -3.75 -6.47 10.43
N ALA A 54 -3.86 -7.72 10.83
CA ALA A 54 -3.18 -8.88 10.21
C ALA A 54 -3.67 -9.11 8.77
FE1 SF4 B . -1.29 0.73 1.16
FE2 SF4 B . -1.62 -1.08 2.83
FE3 SF4 B . -0.50 -1.45 0.56
FE4 SF4 B . 0.71 -0.37 2.41
S1 SF4 B . 0.09 -2.50 2.49
S2 SF4 B . 0.72 0.30 0.25
S3 SF4 B . -0.87 0.87 3.41
S4 SF4 B . -2.68 -0.92 0.81
N VAL A 1 -9.17 15.58 -6.82
CA VAL A 1 -8.58 16.90 -6.53
C VAL A 1 -7.05 16.84 -6.45
N THR A 2 -6.46 15.98 -5.61
CA THR A 2 -5.01 15.98 -5.30
C THR A 2 -4.36 14.59 -5.38
N LYS A 3 -3.26 14.45 -6.14
CA LYS A 3 -2.47 13.21 -6.27
C LYS A 3 -1.86 12.74 -4.94
N LYS A 4 -1.64 11.43 -4.77
CA LYS A 4 -1.05 10.80 -3.57
C LYS A 4 0.48 10.75 -3.59
N ALA A 5 1.06 10.23 -2.51
CA ALA A 5 2.52 10.08 -2.34
C ALA A 5 3.13 8.95 -3.21
N SER A 6 4.41 9.05 -3.61
CA SER A 6 5.02 8.07 -4.51
C SER A 6 5.21 6.68 -3.87
N HIS A 7 5.39 5.65 -4.69
CA HIS A 7 5.68 4.28 -4.21
C HIS A 7 6.96 4.24 -3.34
N LYS A 8 7.98 5.02 -3.72
CA LYS A 8 9.26 5.19 -3.01
C LYS A 8 9.05 5.83 -1.64
N ASP A 9 8.37 6.97 -1.64
CA ASP A 9 8.11 7.82 -0.46
C ASP A 9 7.29 7.11 0.61
N ALA A 10 6.32 6.29 0.17
CA ALA A 10 5.46 5.49 1.04
C ALA A 10 6.11 4.20 1.58
N GLY A 11 7.26 3.78 1.03
CA GLY A 11 7.88 2.50 1.36
C GLY A 11 7.12 1.28 0.81
N TYR A 12 6.53 1.42 -0.38
CA TYR A 12 5.94 0.33 -1.17
C TYR A 12 6.95 -0.18 -2.20
N GLN A 13 6.90 -1.48 -2.52
CA GLN A 13 7.98 -2.21 -3.22
C GLN A 13 7.56 -2.79 -4.57
N GLU A 14 8.52 -2.89 -5.51
CA GLU A 14 8.27 -3.40 -6.87
C GLU A 14 7.99 -4.91 -6.92
N SER A 15 8.21 -5.63 -5.81
CA SER A 15 7.96 -7.08 -5.67
C SER A 15 7.31 -7.44 -4.34
N PRO A 16 6.56 -8.54 -4.27
CA PRO A 16 5.66 -8.85 -3.16
C PRO A 16 6.37 -9.46 -1.94
N ASN A 17 5.72 -9.37 -0.76
CA ASN A 17 6.25 -9.90 0.50
C ASN A 17 5.59 -11.22 0.92
N GLY A 18 6.20 -12.37 0.60
CA GLY A 18 5.87 -13.67 1.17
C GLY A 18 4.40 -14.06 0.99
N ALA A 19 3.64 -14.10 2.10
CA ALA A 19 2.20 -14.37 2.13
C ALA A 19 1.37 -13.18 2.67
N LYS A 20 1.95 -11.96 2.71
CA LYS A 20 1.27 -10.72 3.14
C LYS A 20 0.58 -10.00 1.97
N ARG A 21 -0.27 -9.02 2.28
CA ARG A 21 -1.05 -8.19 1.34
C ARG A 21 -1.34 -6.79 1.95
N CYS A 22 -1.70 -5.83 1.10
CA CYS A 22 -2.44 -4.62 1.46
C CYS A 22 -3.78 -4.96 2.16
N GLY A 23 -4.89 -4.91 1.41
CA GLY A 23 -6.22 -5.45 1.78
C GLY A 23 -6.81 -4.95 3.10
N THR A 24 -6.39 -5.58 4.19
CA THR A 24 -6.86 -5.36 5.57
C THR A 24 -5.76 -4.82 6.49
N CYS A 25 -4.85 -4.00 5.94
CA CYS A 25 -3.79 -3.29 6.68
C CYS A 25 -4.39 -2.17 7.55
N ARG A 26 -4.58 -1.00 6.94
CA ARG A 26 -5.38 0.14 7.40
C ARG A 26 -5.85 1.06 6.26
N GLN A 27 -5.29 0.94 5.04
CA GLN A 27 -5.37 1.98 4.00
C GLN A 27 -5.90 1.54 2.62
N PHE A 28 -6.04 0.25 2.33
CA PHE A 28 -6.40 -0.24 0.98
C PHE A 28 -7.84 0.09 0.56
N ARG A 29 -8.05 0.39 -0.73
CA ARG A 29 -9.34 0.69 -1.34
C ARG A 29 -9.41 0.05 -2.76
N PRO A 30 -10.28 -0.95 -2.99
CA PRO A 30 -10.44 -1.59 -4.30
C PRO A 30 -10.85 -0.63 -5.44
N PRO A 31 -10.46 -0.90 -6.70
CA PRO A 31 -9.62 -2.02 -7.13
C PRO A 31 -8.11 -1.83 -6.94
N SER A 32 -7.60 -0.58 -6.98
CA SER A 32 -6.16 -0.31 -7.12
C SER A 32 -5.69 0.94 -6.38
N SER A 33 -6.28 1.26 -5.22
CA SER A 33 -5.96 2.44 -4.44
C SER A 33 -5.47 2.15 -3.02
N CYS A 34 -4.63 3.05 -2.52
CA CYS A 34 -4.27 3.17 -1.10
C CYS A 34 -4.54 4.61 -0.62
N ILE A 35 -4.71 4.78 0.69
CA ILE A 35 -4.93 6.09 1.35
C ILE A 35 -3.60 6.82 1.65
N THR A 36 -2.44 6.20 1.39
CA THR A 36 -1.14 6.92 1.27
C THR A 36 -0.59 6.96 -0.17
N VAL A 37 -0.66 5.86 -0.94
CA VAL A 37 0.20 5.66 -2.12
C VAL A 37 -0.45 6.04 -3.47
N GLU A 38 0.39 6.38 -4.46
CA GLU A 38 0.10 6.69 -5.87
C GLU A 38 -0.62 5.59 -6.66
N SER A 39 -1.14 5.97 -7.84
CA SER A 39 -1.90 5.11 -8.75
C SER A 39 -1.05 4.40 -9.82
N PRO A 40 -1.41 3.16 -10.24
CA PRO A 40 -2.22 2.20 -9.49
C PRO A 40 -1.37 1.49 -8.41
N ILE A 41 -2.03 0.86 -7.44
CA ILE A 41 -1.40 -0.01 -6.43
C ILE A 41 -1.93 -1.44 -6.54
N SER A 42 -1.02 -2.44 -6.51
CA SER A 42 -1.36 -3.87 -6.56
C SER A 42 -1.29 -4.49 -5.17
N GLU A 43 -2.36 -5.18 -4.77
CA GLU A 43 -2.61 -5.66 -3.41
C GLU A 43 -1.56 -6.62 -2.83
N ASN A 44 -0.83 -7.35 -3.67
CA ASN A 44 0.20 -8.31 -3.26
C ASN A 44 1.53 -7.65 -2.84
N GLY A 45 1.78 -6.39 -3.22
CA GLY A 45 3.08 -5.73 -3.07
C GLY A 45 3.55 -5.55 -1.62
N TRP A 46 2.63 -5.20 -0.71
CA TRP A 46 2.87 -4.82 0.69
C TRP A 46 3.67 -3.52 0.88
N CYS A 47 3.54 -2.90 2.05
CA CYS A 47 4.34 -1.74 2.50
C CYS A 47 4.65 -1.83 4.00
N ARG A 48 5.65 -1.06 4.46
CA ARG A 48 6.22 -1.10 5.83
C ARG A 48 5.32 -0.53 6.96
N LEU A 49 4.03 -0.31 6.70
CA LEU A 49 3.07 0.26 7.67
C LEU A 49 3.00 -0.59 8.96
N TYR A 50 2.94 0.09 10.10
CA TYR A 50 2.77 -0.52 11.43
C TYR A 50 1.68 0.16 12.29
N ALA A 51 0.77 0.89 11.64
CA ALA A 51 -0.37 1.55 12.27
C ALA A 51 -1.39 0.53 12.81
N GLY A 52 -1.96 0.83 13.98
CA GLY A 52 -2.87 -0.08 14.69
C GLY A 52 -4.24 -0.25 14.04
N LYS A 53 -4.88 -1.40 14.31
CA LYS A 53 -6.23 -1.76 13.81
C LYS A 53 -7.35 -1.02 14.56
N ALA A 54 -7.31 0.31 14.47
CA ALA A 54 -8.29 1.27 14.99
C ALA A 54 -8.24 2.58 14.19
FE1 SF4 B . -1.40 0.98 1.46
FE2 SF4 B . -1.71 -0.96 3.14
FE3 SF4 B . -0.81 -1.34 0.83
FE4 SF4 B . 0.49 -0.36 2.52
S1 SF4 B . -0.08 -2.43 2.69
S2 SF4 B . 0.50 0.34 0.38
S3 SF4 B . -0.86 0.96 3.69
S4 SF4 B . -2.89 -0.60 1.23
N VAL A 1 -6.75 18.04 2.99
CA VAL A 1 -6.54 16.57 3.05
C VAL A 1 -5.04 16.23 3.09
N THR A 2 -4.67 15.25 3.91
CA THR A 2 -3.28 14.83 4.20
C THR A 2 -2.51 14.38 2.95
N LYS A 3 -1.26 14.85 2.77
CA LYS A 3 -0.41 14.48 1.63
C LYS A 3 0.04 13.01 1.68
N LYS A 4 -0.02 12.32 0.55
CA LYS A 4 0.41 10.93 0.33
C LYS A 4 1.93 10.82 0.17
N ALA A 5 2.42 9.59 0.14
CA ALA A 5 3.84 9.27 -0.11
C ALA A 5 4.09 8.75 -1.53
N SER A 6 5.31 8.99 -2.03
CA SER A 6 5.82 8.30 -3.22
C SER A 6 6.03 6.81 -2.93
N HIS A 7 6.01 5.99 -3.98
CA HIS A 7 6.35 4.56 -3.89
C HIS A 7 7.71 4.33 -3.20
N LYS A 8 8.69 5.19 -3.49
CA LYS A 8 10.04 5.22 -2.86
C LYS A 8 9.98 5.45 -1.36
N ASP A 9 9.33 6.53 -0.94
CA ASP A 9 9.27 6.96 0.47
C ASP A 9 8.52 5.98 1.38
N ALA A 10 7.55 5.27 0.81
CA ALA A 10 6.79 4.21 1.46
C ALA A 10 7.44 2.80 1.38
N GLY A 11 8.57 2.66 0.69
CA GLY A 11 9.33 1.40 0.58
C GLY A 11 8.74 0.35 -0.38
N TYR A 12 7.85 0.76 -1.29
CA TYR A 12 7.09 -0.12 -2.19
C TYR A 12 8.00 -0.96 -3.10
N GLN A 13 7.59 -2.19 -3.45
CA GLN A 13 8.48 -3.22 -4.01
C GLN A 13 7.90 -4.00 -5.19
N GLU A 14 8.78 -4.68 -5.93
CA GLU A 14 8.42 -5.51 -7.09
C GLU A 14 7.60 -6.77 -6.74
N SER A 15 7.58 -7.17 -5.48
CA SER A 15 6.73 -8.23 -4.92
C SER A 15 6.58 -8.14 -3.39
N PRO A 16 5.50 -8.68 -2.81
CA PRO A 16 5.23 -8.60 -1.38
C PRO A 16 6.15 -9.57 -0.60
N ASN A 17 6.40 -9.31 0.69
CA ASN A 17 7.30 -10.13 1.52
C ASN A 17 6.59 -11.32 2.19
N GLY A 18 6.07 -12.23 1.36
CA GLY A 18 5.50 -13.52 1.77
C GLY A 18 4.11 -13.40 2.42
N ALA A 19 4.06 -13.54 3.75
CA ALA A 19 2.83 -13.52 4.54
C ALA A 19 2.18 -12.12 4.70
N LYS A 20 2.83 -11.05 4.22
CA LYS A 20 2.33 -9.66 4.28
C LYS A 20 2.20 -9.06 2.87
N ARG A 21 1.04 -8.46 2.56
CA ARG A 21 0.73 -7.74 1.30
C ARG A 21 -0.23 -6.56 1.58
N CYS A 22 -0.62 -5.82 0.54
CA CYS A 22 -1.81 -4.95 0.54
C CYS A 22 -3.12 -5.73 0.86
N GLY A 23 -3.98 -6.01 -0.12
CA GLY A 23 -5.20 -6.83 0.05
C GLY A 23 -6.04 -6.44 1.26
N THR A 24 -6.11 -7.30 2.29
CA THR A 24 -6.84 -7.05 3.55
C THR A 24 -6.14 -6.04 4.48
N CYS A 25 -5.18 -5.26 3.97
CA CYS A 25 -4.51 -4.14 4.66
C CYS A 25 -5.50 -3.10 5.18
N ARG A 26 -5.13 -2.46 6.29
CA ARG A 26 -5.91 -1.46 7.02
C ARG A 26 -6.45 -0.32 6.14
N GLN A 27 -5.71 0.06 5.10
CA GLN A 27 -5.97 1.25 4.27
C GLN A 27 -6.12 0.99 2.77
N PHE A 28 -6.24 -0.27 2.35
CA PHE A 28 -6.61 -0.61 0.98
C PHE A 28 -8.13 -0.46 0.78
N ARG A 29 -8.54 -0.06 -0.43
CA ARG A 29 -9.94 -0.10 -0.86
C ARG A 29 -10.03 -0.59 -2.32
N PRO A 30 -10.82 -1.65 -2.61
CA PRO A 30 -11.02 -2.10 -3.98
C PRO A 30 -11.65 -1.00 -4.86
N PRO A 31 -11.38 -0.97 -6.18
CA PRO A 31 -10.58 -1.97 -6.91
C PRO A 31 -9.06 -1.79 -6.79
N SER A 32 -8.55 -0.57 -6.54
CA SER A 32 -7.13 -0.26 -6.80
C SER A 32 -6.56 0.95 -6.05
N SER A 33 -7.05 1.28 -4.84
CA SER A 33 -6.63 2.49 -4.11
C SER A 33 -6.05 2.19 -2.72
N CYS A 34 -5.00 2.91 -2.32
CA CYS A 34 -4.36 2.90 -0.99
C CYS A 34 -4.15 4.34 -0.49
N ILE A 35 -4.30 4.57 0.82
CA ILE A 35 -4.09 5.91 1.42
C ILE A 35 -2.60 6.22 1.67
N THR A 36 -1.75 5.20 1.80
CA THR A 36 -0.31 5.39 2.09
C THR A 36 0.41 5.89 0.84
N VAL A 37 0.20 5.21 -0.29
CA VAL A 37 0.97 5.39 -1.54
C VAL A 37 0.13 5.97 -2.68
N GLU A 38 0.80 6.74 -3.54
CA GLU A 38 0.25 7.13 -4.84
C GLU A 38 -0.27 5.94 -5.65
N SER A 39 -1.35 6.21 -6.37
CA SER A 39 -2.30 5.24 -6.88
C SER A 39 -2.74 5.56 -8.32
N PRO A 40 -3.28 4.60 -9.11
CA PRO A 40 -3.76 3.28 -8.68
C PRO A 40 -2.63 2.30 -8.31
N ILE A 41 -2.98 1.35 -7.44
CA ILE A 41 -2.06 0.41 -6.79
C ILE A 41 -2.49 -1.05 -7.02
N SER A 42 -1.56 -1.98 -6.86
CA SER A 42 -1.84 -3.42 -6.90
C SER A 42 -2.25 -3.96 -5.53
N GLU A 43 -3.21 -4.88 -5.47
CA GLU A 43 -3.64 -5.54 -4.22
C GLU A 43 -2.57 -6.45 -3.57
N ASN A 44 -1.42 -6.61 -4.22
CA ASN A 44 -0.24 -7.34 -3.75
C ASN A 44 1.03 -6.45 -3.73
N GLY A 45 0.89 -5.13 -3.67
CA GLY A 45 1.99 -4.16 -3.72
C GLY A 45 3.01 -4.26 -2.58
N TRP A 46 2.52 -4.17 -1.33
CA TRP A 46 3.24 -3.97 -0.06
C TRP A 46 3.87 -2.57 0.13
N CYS A 47 3.64 -1.96 1.30
CA CYS A 47 4.36 -0.79 1.80
C CYS A 47 4.55 -0.80 3.33
N ARG A 48 5.24 0.23 3.85
CA ARG A 48 5.44 0.48 5.29
C ARG A 48 4.20 0.97 6.07
N LEU A 49 3.09 1.28 5.41
CA LEU A 49 1.81 1.78 5.94
C LEU A 49 1.83 3.07 6.79
N TYR A 50 0.65 3.65 7.03
CA TYR A 50 0.47 4.88 7.83
C TYR A 50 -0.77 4.91 8.75
N ALA A 51 -1.91 4.35 8.35
CA ALA A 51 -3.19 4.48 9.04
C ALA A 51 -3.43 3.42 10.14
N GLY A 52 -4.39 3.69 11.02
CA GLY A 52 -4.91 2.74 12.02
C GLY A 52 -5.84 1.68 11.43
N LYS A 53 -6.36 0.80 12.29
CA LYS A 53 -7.34 -0.29 11.98
C LYS A 53 -8.78 0.25 11.85
N ALA A 54 -8.85 1.42 11.20
CA ALA A 54 -9.98 2.33 11.04
C ALA A 54 -10.75 2.59 12.34
FE1 SF4 B . -1.32 0.37 1.02
FE2 SF4 B . -1.32 -1.34 2.85
FE3 SF4 B . -0.44 -1.84 0.57
FE4 SF4 B . 0.77 -0.52 2.06
S1 SF4 B . 0.47 -2.66 2.48
S2 SF4 B . 0.58 -0.09 -0.12
S3 SF4 B . -0.71 0.70 3.19
S4 SF4 B . -2.61 -1.42 0.99
N VAL A 1 -3.67 17.94 3.39
CA VAL A 1 -3.41 19.27 2.78
C VAL A 1 -2.23 19.24 1.81
N THR A 2 -1.08 18.67 2.20
CA THR A 2 0.04 18.40 1.27
C THR A 2 -0.13 17.06 0.55
N LYS A 3 0.64 16.83 -0.52
CA LYS A 3 0.58 15.69 -1.44
C LYS A 3 0.83 14.34 -0.75
N LYS A 4 0.23 13.27 -1.29
CA LYS A 4 0.41 11.86 -0.88
C LYS A 4 1.88 11.39 -0.85
N ALA A 5 2.12 10.32 -0.11
CA ALA A 5 3.41 9.62 -0.10
C ALA A 5 3.64 8.85 -1.41
N SER A 6 4.85 8.93 -1.96
CA SER A 6 5.29 8.10 -3.09
C SER A 6 5.63 6.69 -2.64
N HIS A 7 5.66 5.74 -3.59
CA HIS A 7 6.13 4.37 -3.30
C HIS A 7 7.62 4.30 -2.91
N LYS A 8 8.45 5.29 -3.28
CA LYS A 8 9.80 5.48 -2.72
C LYS A 8 9.78 5.77 -1.22
N ASP A 9 9.06 6.82 -0.84
CA ASP A 9 8.92 7.24 0.55
C ASP A 9 8.23 6.19 1.42
N ALA A 10 7.37 5.35 0.82
CA ALA A 10 6.72 4.21 1.46
C ALA A 10 7.47 2.86 1.34
N GLY A 11 8.71 2.87 0.86
CA GLY A 11 9.64 1.73 0.93
C GLY A 11 9.25 0.50 0.10
N TYR A 12 8.66 0.71 -1.08
CA TYR A 12 8.14 -0.32 -1.99
C TYR A 12 9.21 -1.31 -2.53
N GLN A 13 8.77 -2.54 -2.79
CA GLN A 13 9.54 -3.65 -3.38
C GLN A 13 8.78 -4.35 -4.52
N GLU A 14 9.50 -5.17 -5.29
CA GLU A 14 8.99 -6.01 -6.39
C GLU A 14 7.88 -7.02 -6.01
N SER A 15 7.63 -7.27 -4.72
CA SER A 15 6.80 -8.39 -4.23
C SER A 15 6.03 -8.10 -2.93
N PRO A 16 5.12 -9.00 -2.51
CA PRO A 16 4.63 -9.07 -1.13
C PRO A 16 5.77 -9.38 -0.15
N ASN A 17 5.65 -8.90 1.09
CA ASN A 17 6.60 -9.19 2.18
C ASN A 17 6.12 -10.43 2.95
N GLY A 18 6.43 -11.63 2.42
CA GLY A 18 5.86 -12.90 2.90
C GLY A 18 4.33 -12.91 2.79
N ALA A 19 3.66 -12.89 3.94
CA ALA A 19 2.20 -12.79 4.05
C ALA A 19 1.65 -11.35 3.92
N LYS A 20 2.50 -10.33 4.05
CA LYS A 20 2.08 -8.92 4.13
C LYS A 20 2.02 -8.30 2.73
N ARG A 21 0.85 -7.75 2.37
CA ARG A 21 0.61 -7.05 1.10
C ARG A 21 -0.37 -5.89 1.31
N CYS A 22 -0.85 -5.32 0.22
CA CYS A 22 -2.13 -4.61 0.14
C CYS A 22 -3.32 -5.58 0.45
N GLY A 23 -4.29 -5.70 -0.45
CA GLY A 23 -5.48 -6.57 -0.42
C GLY A 23 -6.49 -6.27 0.71
N THR A 24 -6.02 -6.34 1.95
CA THR A 24 -6.60 -5.73 3.16
C THR A 24 -5.47 -5.57 4.17
N CYS A 25 -5.08 -4.32 4.45
CA CYS A 25 -3.80 -3.99 5.08
C CYS A 25 -3.97 -2.88 6.14
N ARG A 26 -4.07 -1.63 5.67
CA ARG A 26 -4.28 -0.41 6.43
C ARG A 26 -5.30 0.51 5.75
N GLN A 27 -5.20 0.76 4.44
CA GLN A 27 -6.12 1.64 3.69
C GLN A 27 -6.27 1.31 2.18
N PHE A 28 -6.27 0.02 1.78
CA PHE A 28 -6.24 -0.38 0.36
C PHE A 28 -7.41 0.13 -0.50
N ARG A 29 -8.66 0.04 -0.01
CA ARG A 29 -9.92 0.33 -0.74
C ARG A 29 -10.00 -0.35 -2.13
N PRO A 30 -10.53 -1.58 -2.23
CA PRO A 30 -10.71 -2.27 -3.52
C PRO A 30 -11.51 -1.45 -4.55
N PRO A 31 -11.16 -1.54 -5.85
CA PRO A 31 -10.27 -2.54 -6.45
C PRO A 31 -8.75 -2.24 -6.37
N SER A 32 -8.35 -0.99 -6.14
CA SER A 32 -6.94 -0.55 -6.26
C SER A 32 -6.60 0.77 -5.55
N SER A 33 -7.52 1.35 -4.78
CA SER A 33 -7.61 2.80 -4.58
C SER A 33 -6.99 3.34 -3.30
N CYS A 34 -5.77 2.87 -3.04
CA CYS A 34 -5.00 3.11 -1.81
C CYS A 34 -4.81 4.60 -1.50
N ILE A 35 -4.89 4.94 -0.22
CA ILE A 35 -4.69 6.30 0.30
C ILE A 35 -3.52 6.42 1.28
N THR A 36 -2.86 5.31 1.63
CA THR A 36 -1.58 5.36 2.38
C THR A 36 -0.47 5.88 1.48
N VAL A 37 -0.47 5.46 0.21
CA VAL A 37 0.56 5.73 -0.82
C VAL A 37 -0.14 6.04 -2.17
N GLU A 38 0.60 6.44 -3.21
CA GLU A 38 0.06 6.64 -4.56
C GLU A 38 -0.73 5.46 -5.11
N SER A 39 -1.77 5.81 -5.87
CA SER A 39 -2.80 4.93 -6.44
C SER A 39 -3.13 5.25 -7.91
N PRO A 40 -3.73 4.32 -8.69
CA PRO A 40 -4.02 2.92 -8.37
C PRO A 40 -2.75 2.10 -8.05
N ILE A 41 -2.94 1.01 -7.30
CA ILE A 41 -1.89 0.04 -6.95
C ILE A 41 -2.43 -1.40 -7.11
N SER A 42 -1.53 -2.35 -7.36
CA SER A 42 -1.85 -3.77 -7.38
C SER A 42 -2.29 -4.25 -5.99
N GLU A 43 -3.27 -5.15 -5.94
CA GLU A 43 -3.77 -5.74 -4.68
C GLU A 43 -2.72 -6.56 -3.91
N ASN A 44 -1.53 -6.76 -4.49
CA ASN A 44 -0.37 -7.39 -3.86
C ASN A 44 0.87 -6.47 -3.75
N GLY A 45 0.72 -5.15 -3.93
CA GLY A 45 1.84 -4.18 -3.98
C GLY A 45 2.72 -4.12 -2.72
N TRP A 46 2.08 -4.03 -1.55
CA TRP A 46 2.66 -3.74 -0.22
C TRP A 46 3.32 -2.36 -0.05
N CYS A 47 3.27 -1.83 1.17
CA CYS A 47 4.07 -0.67 1.61
C CYS A 47 4.61 -0.87 3.04
N ARG A 48 5.75 -0.24 3.34
CA ARG A 48 6.30 -0.18 4.71
C ARG A 48 5.49 0.75 5.63
N LEU A 49 4.52 1.50 5.09
CA LEU A 49 3.60 2.36 5.86
C LEU A 49 2.36 1.61 6.38
N TYR A 50 2.18 0.33 6.02
CA TYR A 50 1.15 -0.53 6.61
C TYR A 50 1.40 -0.75 8.13
N ALA A 51 0.34 -1.03 8.90
CA ALA A 51 0.39 -1.11 10.36
C ALA A 51 -0.62 -2.12 10.96
N GLY A 52 -0.25 -2.78 12.06
CA GLY A 52 -1.12 -3.67 12.84
C GLY A 52 -1.30 -5.09 12.30
N LYS A 53 -0.68 -5.42 11.17
CA LYS A 53 -0.77 -6.70 10.45
C LYS A 53 0.58 -7.46 10.48
N ALA A 54 0.98 -7.88 11.68
CA ALA A 54 2.28 -8.49 11.99
C ALA A 54 2.20 -9.76 12.86
FE1 SF4 B . -1.80 0.79 0.41
FE2 SF4 B . -1.91 -1.20 1.96
FE3 SF4 B . -0.70 -1.36 -0.13
FE4 SF4 B . 0.14 -0.20 1.72
S1 SF4 B . -0.04 -2.38 1.77
S2 SF4 B . 0.31 0.53 -0.40
S3 SF4 B . -1.62 0.79 2.71
S4 SF4 B . -2.91 -1.04 -0.06
N VAL A 1 -1.91 20.01 -6.14
CA VAL A 1 -1.59 20.91 -5.00
C VAL A 1 -0.85 20.18 -3.86
N THR A 2 -1.47 19.20 -3.17
CA THR A 2 -0.85 18.43 -2.07
C THR A 2 -1.17 16.95 -2.22
N LYS A 3 -0.13 16.11 -2.30
CA LYS A 3 -0.23 14.67 -2.59
C LYS A 3 0.37 13.81 -1.47
N LYS A 4 0.03 12.51 -1.45
CA LYS A 4 0.65 11.52 -0.55
C LYS A 4 1.98 10.98 -1.09
N ALA A 5 2.63 10.15 -0.26
CA ALA A 5 3.96 9.61 -0.52
C ALA A 5 4.03 8.82 -1.84
N SER A 6 5.14 8.97 -2.56
CA SER A 6 5.45 8.24 -3.79
C SER A 6 5.77 6.76 -3.53
N HIS A 7 5.85 5.95 -4.59
CA HIS A 7 6.25 4.54 -4.49
C HIS A 7 7.70 4.38 -4.00
N LYS A 8 8.56 5.38 -4.24
CA LYS A 8 9.90 5.53 -3.64
C LYS A 8 9.82 5.78 -2.14
N ASP A 9 9.14 6.85 -1.73
CA ASP A 9 9.06 7.32 -0.35
C ASP A 9 8.28 6.37 0.59
N ALA A 10 7.34 5.59 0.06
CA ALA A 10 6.59 4.57 0.79
C ALA A 10 7.28 3.18 0.84
N GLY A 11 8.43 3.02 0.19
CA GLY A 11 9.16 1.75 0.11
C GLY A 11 8.44 0.64 -0.67
N TYR A 12 7.47 1.02 -1.51
CA TYR A 12 6.53 0.11 -2.19
C TYR A 12 7.24 -0.83 -3.18
N GLN A 13 6.92 -2.13 -3.15
CA GLN A 13 7.85 -3.18 -3.61
C GLN A 13 7.31 -4.23 -4.60
N GLU A 14 8.23 -4.78 -5.41
CA GLU A 14 8.02 -5.95 -6.28
C GLU A 14 8.36 -7.29 -5.60
N SER A 15 8.99 -7.26 -4.43
CA SER A 15 9.25 -8.40 -3.54
C SER A 15 8.00 -8.82 -2.73
N PRO A 16 7.97 -10.03 -2.16
CA PRO A 16 6.92 -10.45 -1.23
C PRO A 16 7.21 -9.95 0.20
N ASN A 17 6.20 -9.91 1.07
CA ASN A 17 6.38 -9.67 2.51
C ASN A 17 5.52 -10.61 3.38
N GLY A 18 5.65 -11.93 3.15
CA GLY A 18 4.97 -12.96 3.94
C GLY A 18 3.45 -12.76 4.05
N ALA A 19 2.97 -12.46 5.26
CA ALA A 19 1.56 -12.26 5.59
C ALA A 19 0.96 -10.89 5.18
N LYS A 20 1.77 -9.94 4.69
CA LYS A 20 1.40 -8.52 4.53
C LYS A 20 1.41 -8.08 3.05
N ARG A 21 0.29 -7.56 2.52
CA ARG A 21 0.18 -6.92 1.19
C ARG A 21 -1.07 -6.04 1.08
N CYS A 22 -1.11 -5.15 0.09
CA CYS A 22 -2.26 -4.32 -0.27
C CYS A 22 -3.63 -5.01 -0.27
N GLY A 23 -3.84 -6.09 -1.03
CA GLY A 23 -5.07 -6.90 -1.03
C GLY A 23 -5.47 -7.52 0.33
N THR A 24 -4.56 -7.50 1.31
CA THR A 24 -4.68 -7.98 2.70
C THR A 24 -4.63 -6.82 3.70
N CYS A 25 -4.56 -5.56 3.24
CA CYS A 25 -4.31 -4.36 4.06
C CYS A 25 -5.59 -3.68 4.56
N ARG A 26 -5.44 -2.78 5.53
CA ARG A 26 -6.50 -1.87 6.03
C ARG A 26 -6.63 -0.59 5.18
N GLN A 27 -5.61 -0.28 4.38
CA GLN A 27 -5.46 1.01 3.70
C GLN A 27 -5.95 1.01 2.24
N PHE A 28 -6.22 -0.17 1.68
CA PHE A 28 -6.30 -0.45 0.24
C PHE A 28 -7.55 0.09 -0.48
N ARG A 29 -8.72 0.09 0.17
CA ARG A 29 -10.02 0.52 -0.40
C ARG A 29 -10.25 -0.02 -1.84
N PRO A 30 -10.55 -1.32 -1.98
CA PRO A 30 -10.63 -2.01 -3.27
C PRO A 30 -11.57 -1.30 -4.27
N PRO A 31 -11.24 -1.30 -5.58
CA PRO A 31 -10.20 -2.13 -6.20
C PRO A 31 -8.80 -1.49 -6.28
N SER A 32 -8.65 -0.17 -6.08
CA SER A 32 -7.44 0.55 -6.52
C SER A 32 -6.96 1.74 -5.67
N SER A 33 -7.56 2.04 -4.53
CA SER A 33 -7.42 3.36 -3.86
C SER A 33 -6.76 3.32 -2.48
N CYS A 34 -5.46 3.05 -2.46
CA CYS A 34 -4.67 3.11 -1.22
C CYS A 34 -4.71 4.52 -0.63
N ILE A 35 -4.93 4.62 0.69
CA ILE A 35 -4.92 5.88 1.45
C ILE A 35 -3.52 6.22 2.00
N THR A 36 -2.51 5.36 1.79
CA THR A 36 -1.13 5.58 2.27
C THR A 36 -0.22 6.19 1.21
N VAL A 37 -0.34 5.71 -0.04
CA VAL A 37 0.61 5.91 -1.15
C VAL A 37 -0.09 6.43 -2.42
N GLU A 38 0.67 7.01 -3.33
CA GLU A 38 0.22 7.34 -4.69
C GLU A 38 -0.39 6.16 -5.46
N SER A 39 -1.29 6.48 -6.38
CA SER A 39 -2.23 5.55 -7.04
C SER A 39 -2.21 5.67 -8.58
N PRO A 40 -2.94 4.84 -9.36
CA PRO A 40 -3.74 3.67 -8.95
C PRO A 40 -2.88 2.54 -8.37
N ILE A 41 -3.50 1.60 -7.64
CA ILE A 41 -2.79 0.52 -6.94
C ILE A 41 -3.30 -0.89 -7.30
N SER A 42 -2.41 -1.88 -7.27
CA SER A 42 -2.70 -3.30 -7.45
C SER A 42 -3.00 -3.99 -6.11
N GLU A 43 -3.65 -5.16 -6.13
CA GLU A 43 -3.82 -5.99 -4.93
C GLU A 43 -2.49 -6.56 -4.38
N ASN A 44 -1.41 -6.50 -5.16
CA ASN A 44 -0.08 -6.97 -4.85
C ASN A 44 0.90 -5.79 -4.77
N GLY A 45 1.82 -5.81 -3.80
CA GLY A 45 2.79 -4.73 -3.60
C GLY A 45 3.38 -4.70 -2.18
N TRP A 46 2.62 -4.18 -1.21
CA TRP A 46 3.06 -3.79 0.14
C TRP A 46 3.94 -2.52 0.21
N CYS A 47 3.78 -1.75 1.29
CA CYS A 47 4.55 -0.55 1.64
C CYS A 47 5.01 -0.60 3.11
N ARG A 48 5.98 0.23 3.50
CA ARG A 48 6.44 0.30 4.91
C ARG A 48 5.50 1.12 5.81
N LEU A 49 4.30 0.60 6.07
CA LEU A 49 3.39 1.07 7.13
C LEU A 49 3.11 -0.03 8.17
N TYR A 50 2.83 0.34 9.43
CA TYR A 50 2.50 -0.60 10.52
C TYR A 50 0.98 -0.61 10.86
N ALA A 51 0.17 -1.06 9.89
CA ALA A 51 -1.29 -1.23 10.01
C ALA A 51 -1.80 -2.50 9.27
N GLY A 52 -2.98 -3.01 9.63
CA GLY A 52 -3.56 -4.24 9.07
C GLY A 52 -4.89 -4.65 9.71
N LYS A 53 -5.43 -5.84 9.37
CA LYS A 53 -6.62 -6.42 10.00
C LYS A 53 -6.28 -6.90 11.40
N ALA A 54 -7.29 -6.73 12.23
CA ALA A 54 -7.36 -7.13 13.65
C ALA A 54 -8.79 -7.45 14.09
FE1 SF4 B . -1.46 0.81 0.88
FE2 SF4 B . -1.53 -1.08 2.57
FE3 SF4 B . -0.62 -1.37 0.21
FE4 SF4 B . 0.69 -0.27 1.93
S1 SF4 B . 0.21 -2.43 2.04
S2 SF4 B . 0.49 0.42 -0.21
S3 SF4 B . -0.80 0.90 3.07
S4 SF4 B . -2.78 -0.93 0.66
N VAL A 1 -8.11 15.81 -5.00
CA VAL A 1 -7.25 15.76 -3.78
C VAL A 1 -5.80 16.06 -4.14
N THR A 2 -5.06 16.58 -3.18
CA THR A 2 -3.59 16.78 -3.26
C THR A 2 -2.88 15.43 -3.20
N LYS A 3 -1.80 15.24 -3.98
CA LYS A 3 -1.11 13.95 -4.19
C LYS A 3 -0.54 13.36 -2.89
N LYS A 4 -0.48 12.02 -2.80
CA LYS A 4 0.04 11.26 -1.65
C LYS A 4 1.57 11.16 -1.66
N ALA A 5 2.10 10.42 -0.69
CA ALA A 5 3.50 10.04 -0.62
C ALA A 5 3.93 9.13 -1.80
N SER A 6 5.18 9.27 -2.25
CA SER A 6 5.70 8.52 -3.41
C SER A 6 6.00 7.05 -3.09
N HIS A 7 6.11 6.22 -4.14
CA HIS A 7 6.60 4.83 -4.05
C HIS A 7 8.03 4.72 -3.51
N LYS A 8 8.84 5.79 -3.61
CA LYS A 8 10.18 5.91 -3.03
C LYS A 8 10.08 6.15 -1.51
N ASP A 9 9.33 7.18 -1.12
CA ASP A 9 9.06 7.54 0.28
C ASP A 9 8.47 6.36 1.05
N ALA A 10 7.45 5.71 0.48
CA ALA A 10 6.76 4.55 1.04
C ALA A 10 7.57 3.23 0.97
N GLY A 11 8.74 3.21 0.34
CA GLY A 11 9.65 2.07 0.31
C GLY A 11 9.04 0.79 -0.28
N TYR A 12 8.30 0.94 -1.37
CA TYR A 12 7.54 -0.14 -2.02
C TYR A 12 8.40 -1.35 -2.44
N GLN A 13 7.81 -2.54 -2.33
CA GLN A 13 8.26 -3.76 -3.03
C GLN A 13 7.07 -4.46 -3.69
N GLU A 14 7.32 -5.10 -4.83
CA GLU A 14 6.31 -5.84 -5.60
C GLU A 14 5.98 -7.24 -5.02
N SER A 15 6.73 -7.71 -4.03
CA SER A 15 6.51 -8.98 -3.35
C SER A 15 6.01 -8.84 -1.91
N PRO A 16 5.23 -9.82 -1.42
CA PRO A 16 4.77 -9.88 -0.03
C PRO A 16 5.91 -9.90 1.00
N ASN A 17 5.69 -9.19 2.11
CA ASN A 17 6.50 -9.29 3.33
C ASN A 17 5.85 -10.34 4.25
N GLY A 18 6.21 -11.61 4.05
CA GLY A 18 5.45 -12.73 4.60
C GLY A 18 4.03 -12.74 4.03
N ALA A 19 3.04 -12.64 4.91
CA ALA A 19 1.63 -12.48 4.56
C ALA A 19 1.23 -11.04 4.14
N LYS A 20 2.04 -10.02 4.47
CA LYS A 20 1.69 -8.60 4.35
C LYS A 20 1.86 -8.08 2.92
N ARG A 21 0.76 -7.60 2.31
CA ARG A 21 0.69 -6.90 1.01
C ARG A 21 -0.58 -6.03 0.94
N CYS A 22 -0.78 -5.21 -0.09
CA CYS A 22 -2.03 -4.46 -0.32
C CYS A 22 -3.32 -5.31 -0.22
N GLY A 23 -3.37 -6.46 -0.90
CA GLY A 23 -4.45 -7.46 -0.79
C GLY A 23 -4.69 -8.07 0.60
N THR A 24 -3.85 -7.76 1.60
CA THR A 24 -4.05 -8.10 3.04
C THR A 24 -3.95 -6.87 3.96
N CYS A 25 -3.93 -5.64 3.41
CA CYS A 25 -3.84 -4.37 4.12
C CYS A 25 -5.21 -3.74 4.41
N ARG A 26 -5.37 -3.15 5.59
CA ARG A 26 -6.54 -2.35 5.99
C ARG A 26 -6.69 -1.09 5.13
N GLN A 27 -5.60 -0.61 4.51
CA GLN A 27 -5.55 0.67 3.79
C GLN A 27 -5.98 0.60 2.33
N PHE A 28 -5.95 -0.58 1.69
CA PHE A 28 -6.05 -0.74 0.24
C PHE A 28 -7.35 -0.20 -0.38
N ARG A 29 -8.50 -0.31 0.30
CA ARG A 29 -9.81 0.26 -0.10
C ARG A 29 -10.11 -0.07 -1.59
N PRO A 30 -10.29 -1.36 -1.92
CA PRO A 30 -10.31 -1.87 -3.29
C PRO A 30 -11.38 -1.24 -4.20
N PRO A 31 -11.20 -1.28 -5.53
CA PRO A 31 -10.19 -2.07 -6.26
C PRO A 31 -8.79 -1.42 -6.43
N SER A 32 -8.59 -0.14 -6.11
CA SER A 32 -7.37 0.58 -6.55
C SER A 32 -6.92 1.82 -5.72
N SER A 33 -7.29 1.96 -4.44
CA SER A 33 -7.12 3.24 -3.72
C SER A 33 -5.80 3.42 -2.95
N CYS A 34 -5.52 2.54 -1.97
CA CYS A 34 -4.77 2.86 -0.74
C CYS A 34 -5.31 4.10 0.01
N ILE A 35 -4.78 4.36 1.21
CA ILE A 35 -4.91 5.64 1.91
C ILE A 35 -3.55 6.24 2.33
N THR A 36 -2.44 5.73 1.78
CA THR A 36 -1.08 6.23 2.08
C THR A 36 -0.18 6.49 0.86
N VAL A 37 -0.38 5.81 -0.28
CA VAL A 37 0.57 5.80 -1.43
C VAL A 37 -0.04 6.36 -2.73
N GLU A 38 0.83 6.86 -3.63
CA GLU A 38 0.52 7.36 -4.97
C GLU A 38 -0.22 6.32 -5.87
N SER A 39 -1.44 6.65 -6.28
CA SER A 39 -2.40 5.78 -6.97
C SER A 39 -2.39 5.96 -8.51
N PRO A 40 -3.06 5.08 -9.30
CA PRO A 40 -3.77 3.84 -8.94
C PRO A 40 -2.88 2.74 -8.31
N ILE A 41 -3.51 1.92 -7.46
CA ILE A 41 -2.90 0.82 -6.68
C ILE A 41 -3.44 -0.54 -7.17
N SER A 42 -2.70 -1.62 -6.95
CA SER A 42 -3.14 -2.99 -7.25
C SER A 42 -3.04 -3.90 -6.01
N GLU A 43 -3.74 -5.04 -6.00
CA GLU A 43 -3.76 -5.97 -4.85
C GLU A 43 -2.42 -6.70 -4.60
N ASN A 44 -1.47 -6.60 -5.54
CA ASN A 44 -0.08 -7.03 -5.40
C ASN A 44 0.87 -5.88 -4.98
N GLY A 45 1.94 -6.22 -4.26
CA GLY A 45 2.90 -5.27 -3.67
C GLY A 45 2.62 -4.92 -2.20
N TRP A 46 3.64 -4.36 -1.53
CA TRP A 46 3.64 -3.95 -0.11
C TRP A 46 4.38 -2.62 0.05
N CYS A 47 4.00 -1.80 1.04
CA CYS A 47 4.71 -0.58 1.42
C CYS A 47 5.09 -0.59 2.91
N ARG A 48 6.05 0.26 3.28
CA ARG A 48 6.49 0.47 4.68
C ARG A 48 5.41 1.15 5.56
N LEU A 49 4.25 1.51 5.00
CA LEU A 49 3.10 2.13 5.67
C LEU A 49 1.93 1.15 5.90
N TYR A 50 2.04 -0.10 5.39
CA TYR A 50 1.09 -1.22 5.56
C TYR A 50 0.45 -1.27 6.96
N ALA A 51 -0.85 -1.54 7.03
CA ALA A 51 -1.59 -1.72 8.28
C ALA A 51 -2.39 -3.03 8.31
N GLY A 52 -2.23 -3.81 9.38
CA GLY A 52 -3.03 -4.99 9.69
C GLY A 52 -4.47 -4.66 10.11
N LYS A 53 -5.26 -5.70 10.35
CA LYS A 53 -6.69 -5.64 10.68
C LYS A 53 -6.88 -5.15 12.11
N ALA A 54 -7.78 -4.19 12.21
CA ALA A 54 -8.10 -3.34 13.36
C ALA A 54 -6.87 -2.62 13.98
FE1 SF4 B . -1.43 0.99 0.85
FE2 SF4 B . -1.39 -0.85 2.56
FE3 SF4 B . -0.71 -1.19 0.14
FE4 SF4 B . 0.73 -0.02 1.69
S1 SF4 B . 0.32 -2.18 1.89
S2 SF4 B . 0.36 0.60 -0.46
S3 SF4 B . -0.67 1.15 2.99
S4 SF4 B . -2.80 -0.73 0.77
N VAL A 1 -6.67 15.36 -9.66
CA VAL A 1 -5.99 14.88 -8.43
C VAL A 1 -4.48 14.86 -8.66
N THR A 2 -3.70 15.31 -7.65
CA THR A 2 -2.23 15.22 -7.66
C THR A 2 -1.73 13.90 -7.03
N LYS A 3 -0.52 13.47 -7.37
CA LYS A 3 0.08 12.21 -6.88
C LYS A 3 0.41 12.25 -5.37
N LYS A 4 0.41 11.07 -4.74
CA LYS A 4 0.95 10.83 -3.39
C LYS A 4 2.47 10.63 -3.43
N ALA A 5 3.01 10.13 -2.32
CA ALA A 5 4.39 9.63 -2.29
C ALA A 5 4.55 8.41 -3.21
N SER A 6 5.63 8.38 -4.00
CA SER A 6 5.95 7.22 -4.85
C SER A 6 6.38 6.02 -3.99
N HIS A 7 6.31 4.80 -4.55
CA HIS A 7 6.79 3.60 -3.85
C HIS A 7 8.27 3.70 -3.48
N LYS A 8 9.09 4.27 -4.38
CA LYS A 8 10.52 4.56 -4.17
C LYS A 8 10.75 5.48 -2.97
N ASP A 9 10.06 6.62 -2.94
CA ASP A 9 10.13 7.63 -1.88
C ASP A 9 9.53 7.14 -0.54
N ALA A 10 8.56 6.22 -0.59
CA ALA A 10 8.02 5.50 0.58
C ALA A 10 8.95 4.40 1.13
N GLY A 11 10.07 4.09 0.44
CA GLY A 11 11.03 3.07 0.85
C GLY A 11 10.58 1.64 0.57
N TYR A 12 9.90 1.42 -0.57
CA TYR A 12 9.37 0.11 -0.97
C TYR A 12 10.47 -0.91 -1.31
N GLN A 13 10.14 -2.19 -1.16
CA GLN A 13 11.00 -3.35 -1.36
C GLN A 13 10.89 -3.94 -2.78
N GLU A 14 11.75 -4.93 -3.10
CA GLU A 14 11.75 -5.59 -4.41
C GLU A 14 10.67 -6.66 -4.59
N SER A 15 9.95 -7.01 -3.53
CA SER A 15 8.83 -7.97 -3.56
C SER A 15 7.84 -7.73 -2.40
N PRO A 16 6.59 -8.25 -2.48
CA PRO A 16 5.63 -8.23 -1.38
C PRO A 16 6.15 -8.96 -0.13
N ASN A 17 5.58 -8.65 1.04
CA ASN A 17 5.94 -9.24 2.33
C ASN A 17 5.14 -10.54 2.57
N GLY A 18 5.30 -11.52 1.66
CA GLY A 18 4.68 -12.84 1.75
C GLY A 18 3.15 -12.77 1.86
N ALA A 19 2.63 -13.12 3.04
CA ALA A 19 1.21 -13.09 3.36
C ALA A 19 0.64 -11.67 3.64
N LYS A 20 1.48 -10.62 3.64
CA LYS A 20 1.10 -9.22 3.78
C LYS A 20 1.26 -8.46 2.45
N ARG A 21 0.15 -7.91 1.94
CA ARG A 21 0.08 -6.99 0.78
C ARG A 21 -1.22 -6.18 0.79
N CYS A 22 -1.29 -5.16 -0.05
CA CYS A 22 -2.44 -4.28 -0.28
C CYS A 22 -3.83 -4.96 -0.23
N GLY A 23 -4.09 -6.01 -1.02
CA GLY A 23 -5.36 -6.76 -0.98
C GLY A 23 -5.75 -7.39 0.37
N THR A 24 -4.83 -7.51 1.34
CA THR A 24 -5.04 -8.00 2.72
C THR A 24 -4.50 -6.98 3.76
N CYS A 25 -4.49 -5.70 3.40
CA CYS A 25 -4.08 -4.58 4.26
C CYS A 25 -5.13 -4.20 5.32
N ARG A 26 -4.83 -3.16 6.12
CA ARG A 26 -5.81 -2.54 7.04
C ARG A 26 -7.01 -1.93 6.29
N GLN A 27 -6.86 -1.66 4.99
CA GLN A 27 -7.95 -1.26 4.10
C GLN A 27 -7.60 -1.66 2.65
N PHE A 28 -8.61 -1.90 1.81
CA PHE A 28 -8.45 -2.04 0.36
C PHE A 28 -9.33 -1.08 -0.45
N ARG A 29 -10.51 -0.69 0.09
CA ARG A 29 -11.48 0.24 -0.52
C ARG A 29 -11.67 -0.03 -2.02
N PRO A 30 -12.31 -1.16 -2.39
CA PRO A 30 -12.29 -1.70 -3.76
C PRO A 30 -12.91 -0.72 -4.79
N PRO A 31 -12.56 -0.84 -6.08
CA PRO A 31 -11.65 -1.84 -6.64
C PRO A 31 -10.15 -1.52 -6.47
N SER A 32 -9.74 -0.28 -6.17
CA SER A 32 -8.37 0.16 -6.44
C SER A 32 -7.90 1.44 -5.71
N SER A 33 -8.03 1.55 -4.38
CA SER A 33 -7.57 2.76 -3.64
C SER A 33 -6.61 2.48 -2.47
N CYS A 34 -5.66 3.39 -2.23
CA CYS A 34 -4.86 3.48 -0.99
C CYS A 34 -4.70 4.93 -0.51
N ILE A 35 -4.49 5.09 0.80
CA ILE A 35 -4.20 6.36 1.48
C ILE A 35 -2.71 6.54 1.83
N THR A 36 -1.90 5.48 1.69
CA THR A 36 -0.53 5.42 2.22
C THR A 36 0.52 5.71 1.14
N VAL A 37 0.26 5.32 -0.11
CA VAL A 37 1.22 5.40 -1.22
C VAL A 37 0.51 5.71 -2.56
N GLU A 38 1.27 5.90 -3.64
CA GLU A 38 0.78 6.12 -5.01
C GLU A 38 -0.41 5.22 -5.40
N SER A 39 -1.53 5.89 -5.73
CA SER A 39 -2.88 5.33 -5.92
C SER A 39 -3.59 6.02 -7.11
N PRO A 40 -4.41 5.35 -7.95
CA PRO A 40 -4.98 4.00 -7.82
C PRO A 40 -3.97 2.84 -7.73
N ILE A 41 -4.36 1.79 -7.00
CA ILE A 41 -3.53 0.64 -6.61
C ILE A 41 -4.01 -0.67 -7.26
N SER A 42 -3.18 -1.72 -7.26
CA SER A 42 -3.54 -3.08 -7.67
C SER A 42 -3.96 -3.96 -6.49
N GLU A 43 -4.24 -5.27 -6.71
CA GLU A 43 -4.40 -6.25 -5.62
C GLU A 43 -3.13 -6.44 -4.75
N ASN A 44 -1.99 -5.93 -5.22
CA ASN A 44 -0.64 -6.34 -4.85
C ASN A 44 0.25 -5.12 -4.50
N GLY A 45 1.42 -5.38 -3.92
CA GLY A 45 2.39 -4.36 -3.51
C GLY A 45 2.97 -4.59 -2.12
N TRP A 46 2.21 -4.22 -1.08
CA TRP A 46 2.67 -3.95 0.30
C TRP A 46 3.42 -2.61 0.45
N CYS A 47 3.40 -2.05 1.66
CA CYS A 47 4.20 -0.90 2.09
C CYS A 47 4.52 -0.99 3.59
N ARG A 48 5.47 -0.17 4.09
CA ARG A 48 5.99 -0.25 5.46
C ARG A 48 5.09 0.35 6.56
N LEU A 49 4.02 1.05 6.17
CA LEU A 49 2.83 1.42 6.96
C LEU A 49 3.08 1.64 8.47
N TYR A 50 3.29 2.88 8.91
CA TYR A 50 3.61 3.20 10.31
C TYR A 50 2.36 3.47 11.20
N ALA A 51 1.17 3.49 10.61
CA ALA A 51 -0.14 3.51 11.29
C ALA A 51 -0.57 2.14 11.84
N GLY A 52 -1.67 2.09 12.59
CA GLY A 52 -2.28 0.87 13.13
C GLY A 52 -2.88 -0.07 12.06
N LYS A 53 -2.83 -1.37 12.32
CA LYS A 53 -3.24 -2.48 11.44
C LYS A 53 -4.58 -3.09 11.86
N ALA A 54 -4.93 -4.15 11.14
CA ALA A 54 -6.14 -4.98 11.31
C ALA A 54 -5.86 -6.49 11.21
FE1 SF4 B . -1.43 0.99 0.85
FE2 SF4 B . -1.39 -0.85 2.56
FE3 SF4 B . -0.71 -1.19 0.14
FE4 SF4 B . 0.73 -0.02 1.69
S1 SF4 B . 0.32 -2.18 1.89
S2 SF4 B . 0.36 0.60 -0.46
S3 SF4 B . -0.67 1.15 2.99
S4 SF4 B . -2.80 -0.73 0.77
N VAL A 1 -5.66 16.24 5.15
CA VAL A 1 -4.61 16.44 6.18
C VAL A 1 -3.21 16.47 5.57
N THR A 2 -2.79 15.47 4.79
CA THR A 2 -1.40 15.36 4.32
C THR A 2 -1.25 14.71 2.94
N LYS A 3 -0.24 15.15 2.17
CA LYS A 3 0.15 14.57 0.86
C LYS A 3 0.46 13.08 0.97
N LYS A 4 -0.09 12.31 0.03
CA LYS A 4 0.23 10.89 -0.18
C LYS A 4 1.69 10.69 -0.58
N ALA A 5 2.24 9.57 -0.17
CA ALA A 5 3.61 9.18 -0.44
C ALA A 5 3.78 8.63 -1.86
N SER A 6 4.84 9.05 -2.56
CA SER A 6 5.27 8.40 -3.81
C SER A 6 5.74 6.96 -3.56
N HIS A 7 5.82 6.14 -4.60
CA HIS A 7 6.23 4.73 -4.48
C HIS A 7 7.67 4.57 -3.94
N LYS A 8 8.52 5.59 -4.13
CA LYS A 8 9.83 5.73 -3.49
C LYS A 8 9.69 5.99 -1.99
N ASP A 9 9.00 7.06 -1.62
CA ASP A 9 8.81 7.53 -0.25
C ASP A 9 8.09 6.54 0.68
N ALA A 10 7.24 5.69 0.10
CA ALA A 10 6.55 4.59 0.79
C ALA A 10 7.40 3.29 0.89
N GLY A 11 8.50 3.20 0.14
CA GLY A 11 9.30 1.98 0.01
C GLY A 11 8.57 0.83 -0.71
N TYR A 12 7.64 1.15 -1.63
CA TYR A 12 6.70 0.20 -2.24
C TYR A 12 7.37 -0.80 -3.20
N GLN A 13 6.84 -2.02 -3.28
CA GLN A 13 7.44 -3.14 -4.00
C GLN A 13 6.47 -3.91 -4.91
N GLU A 14 7.04 -4.59 -5.91
CA GLU A 14 6.27 -5.33 -6.93
C GLU A 14 5.54 -6.57 -6.37
N SER A 15 5.93 -7.03 -5.18
CA SER A 15 5.29 -8.16 -4.49
C SER A 15 5.52 -8.10 -2.96
N PRO A 16 4.60 -8.65 -2.14
CA PRO A 16 4.57 -8.50 -0.68
C PRO A 16 5.69 -9.23 0.06
N ASN A 17 5.96 -8.86 1.32
CA ASN A 17 6.94 -9.49 2.19
C ASN A 17 6.42 -10.77 2.90
N GLY A 18 5.66 -11.55 2.15
CA GLY A 18 4.94 -12.74 2.64
C GLY A 18 3.62 -12.42 3.33
N ALA A 19 3.65 -12.24 4.66
CA ALA A 19 2.46 -12.11 5.49
C ALA A 19 1.66 -10.81 5.30
N LYS A 20 2.33 -9.67 5.01
CA LYS A 20 1.67 -8.37 4.86
C LYS A 20 1.51 -8.01 3.38
N ARG A 21 0.31 -7.58 2.98
CA ARG A 21 -0.08 -7.31 1.58
C ARG A 21 -1.09 -6.16 1.51
N CYS A 22 -1.11 -5.41 0.40
CA CYS A 22 -2.08 -4.36 0.15
C CYS A 22 -3.55 -4.85 0.20
N GLY A 23 -3.92 -5.92 -0.52
CA GLY A 23 -5.26 -6.52 -0.43
C GLY A 23 -5.69 -7.02 0.97
N THR A 24 -4.78 -7.10 1.94
CA THR A 24 -5.03 -7.44 3.36
C THR A 24 -4.55 -6.33 4.31
N CYS A 25 -4.32 -5.12 3.79
CA CYS A 25 -3.94 -3.95 4.56
C CYS A 25 -5.13 -3.37 5.35
N ARG A 26 -4.80 -2.52 6.32
CA ARG A 26 -5.76 -1.86 7.21
C ARG A 26 -6.58 -0.77 6.49
N GLN A 27 -6.12 -0.28 5.33
CA GLN A 27 -6.67 0.91 4.66
C GLN A 27 -6.81 0.84 3.12
N PHE A 28 -6.56 -0.30 2.48
CA PHE A 28 -6.70 -0.49 1.02
C PHE A 28 -8.16 -0.58 0.54
N ARG A 29 -8.44 -0.04 -0.66
CA ARG A 29 -9.72 -0.16 -1.39
C ARG A 29 -9.50 -0.78 -2.80
N PRO A 30 -10.20 -1.88 -3.16
CA PRO A 30 -10.17 -2.44 -4.51
C PRO A 30 -10.75 -1.49 -5.58
N PRO A 31 -10.24 -1.48 -6.83
CA PRO A 31 -9.21 -2.40 -7.35
C PRO A 31 -7.76 -1.97 -7.06
N SER A 32 -7.50 -0.66 -6.93
CA SER A 32 -6.16 -0.08 -7.14
C SER A 32 -5.82 1.12 -6.24
N SER A 33 -6.42 1.23 -5.05
CA SER A 33 -6.25 2.38 -4.16
C SER A 33 -5.67 2.04 -2.78
N CYS A 34 -4.42 2.43 -2.55
CA CYS A 34 -3.95 2.80 -1.21
C CYS A 34 -4.40 4.24 -0.92
N ILE A 35 -4.72 4.55 0.34
CA ILE A 35 -5.02 5.93 0.79
C ILE A 35 -3.83 6.63 1.48
N THR A 36 -2.66 5.96 1.55
CA THR A 36 -1.39 6.59 1.96
C THR A 36 -0.36 6.68 0.84
N VAL A 37 -0.36 5.72 -0.10
CA VAL A 37 0.57 5.65 -1.24
C VAL A 37 -0.14 6.03 -2.54
N GLU A 38 0.58 6.65 -3.48
CA GLU A 38 0.03 7.09 -4.76
C GLU A 38 -0.63 5.98 -5.59
N SER A 39 -1.67 6.37 -6.32
CA SER A 39 -2.55 5.51 -7.13
C SER A 39 -2.52 5.88 -8.62
N PRO A 40 -2.84 4.96 -9.55
CA PRO A 40 -3.25 3.57 -9.32
C PRO A 40 -2.09 2.67 -8.81
N ILE A 41 -2.47 1.64 -8.05
CA ILE A 41 -1.56 0.74 -7.31
C ILE A 41 -1.99 -0.74 -7.38
N SER A 42 -1.10 -1.66 -7.03
CA SER A 42 -1.34 -3.12 -7.09
C SER A 42 -2.08 -3.67 -5.86
N GLU A 43 -2.78 -4.79 -6.01
CA GLU A 43 -3.41 -5.51 -4.90
C GLU A 43 -2.46 -6.47 -4.14
N ASN A 44 -1.22 -6.65 -4.60
CA ASN A 44 -0.18 -7.43 -3.91
C ASN A 44 0.68 -6.54 -2.97
N GLY A 45 1.54 -5.68 -3.53
CA GLY A 45 2.09 -4.49 -2.89
C GLY A 45 2.91 -4.66 -1.62
N TRP A 46 2.40 -4.09 -0.52
CA TRP A 46 3.10 -3.70 0.72
C TRP A 46 3.98 -2.44 0.57
N CYS A 47 3.63 -1.36 1.26
CA CYS A 47 4.55 -0.28 1.69
C CYS A 47 5.22 -0.68 3.03
N ARG A 48 6.08 0.15 3.64
CA ARG A 48 6.67 -0.17 4.97
C ARG A 48 5.70 0.09 6.14
N LEU A 49 4.51 -0.53 6.05
CA LEU A 49 3.40 -0.44 6.99
C LEU A 49 3.63 -1.24 8.27
N TYR A 50 3.22 -0.68 9.41
CA TYR A 50 2.91 -1.41 10.64
C TYR A 50 1.43 -1.20 11.02
N ALA A 51 0.72 -2.28 11.35
CA ALA A 51 -0.69 -2.27 11.77
C ALA A 51 -1.03 -3.50 12.63
N GLY A 52 -1.98 -3.37 13.56
CA GLY A 52 -2.53 -4.48 14.33
C GLY A 52 -3.48 -5.38 13.54
N LYS A 53 -4.26 -4.79 12.63
CA LYS A 53 -5.21 -5.47 11.73
C LYS A 53 -4.57 -5.66 10.34
N ALA A 54 -3.76 -6.71 10.23
CA ALA A 54 -2.99 -7.08 9.03
C ALA A 54 -3.05 -8.59 8.68
FE1 SF4 B . -1.22 1.16 1.25
FE2 SF4 B . -1.54 -0.60 2.91
FE3 SF4 B . -0.55 -1.11 0.64
FE4 SF4 B . 0.70 0.05 2.42
S1 SF4 B . 0.13 -2.09 2.58
S2 SF4 B . 0.71 0.61 0.24
S3 SF4 B . -0.78 1.34 3.47
S4 SF4 B . -2.68 -0.45 0.95
N VAL A 1 -7.31 14.90 -6.51
CA VAL A 1 -7.42 16.28 -5.99
C VAL A 1 -6.09 16.80 -5.42
N THR A 2 -5.46 16.11 -4.47
CA THR A 2 -4.17 16.50 -3.87
C THR A 2 -3.09 15.42 -3.96
N LYS A 3 -1.81 15.84 -3.98
CA LYS A 3 -0.65 14.97 -4.26
C LYS A 3 -0.41 13.91 -3.17
N LYS A 4 -0.31 12.64 -3.59
CA LYS A 4 -0.15 11.46 -2.73
C LYS A 4 1.28 11.25 -2.29
N ALA A 5 1.46 10.43 -1.26
CA ALA A 5 2.79 9.95 -0.85
C ALA A 5 3.39 9.06 -1.96
N SER A 6 4.64 9.27 -2.33
CA SER A 6 5.27 8.52 -3.43
C SER A 6 5.56 7.05 -3.09
N HIS A 7 5.91 6.23 -4.09
CA HIS A 7 6.51 4.90 -3.85
C HIS A 7 7.69 4.95 -2.87
N LYS A 8 8.46 6.05 -2.91
CA LYS A 8 9.66 6.28 -2.09
C LYS A 8 9.31 6.57 -0.62
N ASP A 9 8.42 7.53 -0.42
CA ASP A 9 7.78 7.87 0.85
C ASP A 9 7.09 6.67 1.54
N ALA A 10 6.58 5.73 0.73
CA ALA A 10 5.92 4.50 1.17
C ALA A 10 6.88 3.30 1.35
N GLY A 11 8.17 3.43 1.00
CA GLY A 11 9.15 2.33 1.05
C GLY A 11 8.78 1.11 0.19
N TYR A 12 8.05 1.35 -0.91
CA TYR A 12 7.27 0.34 -1.65
C TYR A 12 8.09 -0.78 -2.28
N GLN A 13 7.49 -1.97 -2.38
CA GLN A 13 7.90 -3.08 -3.25
C GLN A 13 6.68 -3.67 -3.98
N GLU A 14 6.87 -4.09 -5.23
CA GLU A 14 5.78 -4.68 -6.04
C GLU A 14 5.38 -6.10 -5.63
N SER A 15 6.09 -6.70 -4.66
CA SER A 15 5.86 -8.05 -4.14
C SER A 15 5.26 -8.10 -2.73
N PRO A 16 4.56 -9.20 -2.39
CA PRO A 16 4.16 -9.50 -1.02
C PRO A 16 5.38 -9.57 -0.09
N ASN A 17 5.19 -9.19 1.18
CA ASN A 17 6.16 -9.41 2.24
C ASN A 17 5.65 -10.55 3.15
N GLY A 18 6.05 -11.79 2.84
CA GLY A 18 5.58 -12.99 3.54
C GLY A 18 4.10 -13.28 3.26
N ALA A 19 3.22 -12.89 4.18
CA ALA A 19 1.77 -12.87 3.99
C ALA A 19 1.15 -11.47 4.07
N LYS A 20 1.95 -10.42 4.32
CA LYS A 20 1.51 -9.02 4.33
C LYS A 20 1.53 -8.46 2.91
N ARG A 21 0.38 -8.00 2.41
CA ARG A 21 0.23 -7.32 1.11
C ARG A 21 -0.96 -6.36 1.11
N CYS A 22 -1.05 -5.47 0.13
CA CYS A 22 -2.17 -4.56 -0.09
C CYS A 22 -3.58 -5.15 0.12
N GLY A 23 -3.91 -6.30 -0.47
CA GLY A 23 -5.22 -6.95 -0.32
C GLY A 23 -5.67 -7.26 1.13
N THR A 24 -4.75 -7.28 2.10
CA THR A 24 -5.02 -7.45 3.55
C THR A 24 -3.95 -6.72 4.38
N CYS A 25 -4.04 -5.38 4.44
CA CYS A 25 -2.99 -4.48 4.95
C CYS A 25 -3.40 -3.67 6.20
N ARG A 26 -3.96 -2.48 5.97
CA ARG A 26 -4.52 -1.49 6.90
C ARG A 26 -5.43 -0.44 6.22
N GLN A 27 -5.38 -0.29 4.88
CA GLN A 27 -6.22 0.66 4.11
C GLN A 27 -6.70 0.11 2.74
N PHE A 28 -5.82 0.06 1.74
CA PHE A 28 -6.02 -0.40 0.34
C PHE A 28 -7.06 0.28 -0.55
N ARG A 29 -8.28 0.57 -0.09
CA ARG A 29 -9.39 1.14 -0.89
C ARG A 29 -9.58 0.44 -2.26
N PRO A 30 -10.17 -0.77 -2.27
CA PRO A 30 -10.28 -1.61 -3.48
C PRO A 30 -10.97 -0.90 -4.67
N PRO A 31 -10.56 -1.18 -5.92
CA PRO A 31 -9.63 -2.24 -6.33
C PRO A 31 -8.15 -1.82 -6.35
N SER A 32 -7.82 -0.54 -6.21
CA SER A 32 -6.46 -0.02 -6.52
C SER A 32 -6.04 1.29 -5.84
N SER A 33 -6.89 1.90 -5.00
CA SER A 33 -6.88 3.36 -4.79
C SER A 33 -6.12 3.88 -3.56
N CYS A 34 -5.62 2.97 -2.71
CA CYS A 34 -4.82 3.16 -1.49
C CYS A 34 -4.47 4.60 -1.10
N ILE A 35 -4.96 5.06 0.05
CA ILE A 35 -4.65 6.42 0.54
C ILE A 35 -3.20 6.58 1.05
N THR A 36 -2.45 5.47 1.19
CA THR A 36 -1.09 5.41 1.72
C THR A 36 -0.02 5.69 0.66
N VAL A 37 -0.31 5.50 -0.64
CA VAL A 37 0.69 5.59 -1.72
C VAL A 37 0.09 6.09 -3.05
N GLU A 38 0.94 6.59 -3.95
CA GLU A 38 0.61 6.93 -5.34
C GLU A 38 0.02 5.72 -6.09
N SER A 39 -1.09 5.98 -6.79
CA SER A 39 -2.01 4.95 -7.29
C SER A 39 -2.42 5.23 -8.76
N PRO A 40 -2.97 4.26 -9.52
CA PRO A 40 -3.41 2.91 -9.13
C PRO A 40 -2.27 1.96 -8.71
N ILE A 41 -2.59 0.94 -7.93
CA ILE A 41 -1.72 -0.21 -7.59
C ILE A 41 -2.44 -1.56 -7.81
N SER A 42 -1.75 -2.69 -7.62
CA SER A 42 -2.36 -4.03 -7.56
C SER A 42 -2.92 -4.35 -6.16
N GLU A 43 -3.56 -5.51 -6.00
CA GLU A 43 -3.84 -6.13 -4.70
C GLU A 43 -2.60 -6.74 -4.01
N ASN A 44 -1.42 -6.69 -4.66
CA ASN A 44 -0.37 -7.71 -4.49
C ASN A 44 0.99 -7.22 -3.96
N GLY A 45 1.26 -5.91 -3.95
CA GLY A 45 2.48 -5.30 -3.38
C GLY A 45 2.46 -5.12 -1.86
N TRP A 46 3.50 -4.50 -1.30
CA TRP A 46 3.59 -4.13 0.12
C TRP A 46 4.27 -2.78 0.34
N CYS A 47 3.72 -1.96 1.26
CA CYS A 47 4.33 -0.72 1.73
C CYS A 47 4.98 -0.88 3.11
N ARG A 48 6.04 -0.11 3.36
CA ARG A 48 6.75 -0.06 4.64
C ARG A 48 5.99 0.74 5.71
N LEU A 49 4.70 1.05 5.51
CA LEU A 49 3.87 1.86 6.40
C LEU A 49 3.07 0.96 7.38
N TYR A 50 3.76 -0.01 7.97
CA TYR A 50 3.21 -1.00 8.91
C TYR A 50 1.98 -1.77 8.38
N ALA A 51 1.96 -2.05 7.07
CA ALA A 51 0.94 -2.86 6.43
C ALA A 51 0.97 -4.31 6.96
N GLY A 52 -0.16 -4.77 7.50
CA GLY A 52 -0.34 -6.12 8.04
C GLY A 52 -1.31 -6.17 9.22
N LYS A 53 -1.85 -7.35 9.50
CA LYS A 53 -2.82 -7.62 10.57
C LYS A 53 -2.13 -8.16 11.82
N ALA A 54 -2.36 -7.43 12.91
CA ALA A 54 -1.85 -7.66 14.27
C ALA A 54 -0.31 -7.83 14.34
FE1 SF4 B . -1.75 0.66 0.54
FE2 SF4 B . -2.04 -1.26 2.03
FE3 SF4 B . -0.68 -1.46 -0.04
FE4 SF4 B . 0.15 -0.34 1.96
S1 SF4 B . -0.18 -2.51 1.90
S2 SF4 B . 0.39 0.42 -0.16
S3 SF4 B . -1.66 0.70 2.83
S4 SF4 B . -2.88 -1.12 -0.07
N VAL A 1 -8.63 16.41 -2.48
CA VAL A 1 -7.93 15.30 -1.78
C VAL A 1 -6.44 15.53 -1.71
N THR A 2 -5.82 15.13 -0.59
CA THR A 2 -4.39 15.32 -0.30
C THR A 2 -3.47 14.54 -1.26
N LYS A 3 -2.33 15.13 -1.60
CA LYS A 3 -1.25 14.52 -2.40
C LYS A 3 -0.32 13.68 -1.52
N LYS A 4 0.06 12.49 -2.01
CA LYS A 4 0.85 11.48 -1.27
C LYS A 4 2.16 11.09 -1.94
N ALA A 5 2.98 10.38 -1.17
CA ALA A 5 4.33 9.95 -1.52
C ALA A 5 4.39 9.02 -2.75
N SER A 6 5.50 9.09 -3.48
CA SER A 6 5.83 8.19 -4.58
C SER A 6 6.31 6.82 -4.07
N HIS A 7 6.29 5.80 -4.93
CA HIS A 7 6.85 4.48 -4.60
C HIS A 7 8.36 4.49 -4.35
N LYS A 8 9.07 5.52 -4.83
CA LYS A 8 10.48 5.82 -4.50
C LYS A 8 10.62 6.38 -3.07
N ASP A 9 9.94 7.47 -2.75
CA ASP A 9 9.95 8.11 -1.43
C ASP A 9 9.47 7.16 -0.32
N ALA A 10 8.41 6.42 -0.59
CA ALA A 10 7.77 5.47 0.34
C ALA A 10 8.47 4.10 0.49
N GLY A 11 9.57 3.84 -0.23
CA GLY A 11 10.39 2.64 -0.04
C GLY A 11 9.75 1.30 -0.49
N TYR A 12 8.93 1.32 -1.55
CA TYR A 12 8.41 0.10 -2.18
C TYR A 12 9.55 -0.78 -2.72
N GLN A 13 9.42 -2.10 -2.55
CA GLN A 13 10.41 -3.14 -2.87
C GLN A 13 10.04 -3.97 -4.09
N GLU A 14 11.04 -4.57 -4.72
CA GLU A 14 10.88 -5.38 -5.94
C GLU A 14 10.05 -6.67 -5.76
N SER A 15 9.84 -7.13 -4.53
CA SER A 15 9.16 -8.41 -4.26
C SER A 15 8.42 -8.46 -2.92
N PRO A 16 7.30 -9.22 -2.85
CA PRO A 16 6.31 -9.12 -1.78
C PRO A 16 6.85 -9.56 -0.41
N ASN A 17 6.37 -8.92 0.66
CA ASN A 17 6.69 -9.26 2.05
C ASN A 17 5.83 -10.45 2.53
N GLY A 18 5.98 -11.60 1.88
CA GLY A 18 5.22 -12.82 2.17
C GLY A 18 3.72 -12.55 2.29
N ALA A 19 3.16 -12.91 3.44
CA ALA A 19 1.74 -12.78 3.77
C ALA A 19 1.27 -11.36 4.09
N LYS A 20 2.15 -10.37 4.32
CA LYS A 20 1.73 -8.99 4.62
C LYS A 20 1.37 -8.26 3.33
N ARG A 21 0.07 -8.11 3.02
CA ARG A 21 -0.42 -7.75 1.66
C ARG A 21 -1.59 -6.76 1.66
N CYS A 22 -1.55 -5.81 0.73
CA CYS A 22 -2.59 -4.80 0.48
C CYS A 22 -4.03 -5.34 0.39
N GLY A 23 -4.23 -6.52 -0.20
CA GLY A 23 -5.54 -7.21 -0.27
C GLY A 23 -6.32 -7.34 1.05
N THR A 24 -5.65 -7.40 2.21
CA THR A 24 -6.30 -7.40 3.54
C THR A 24 -5.92 -6.16 4.38
N CYS A 25 -5.54 -5.05 3.74
CA CYS A 25 -5.19 -3.79 4.42
C CYS A 25 -6.39 -3.15 5.13
N ARG A 26 -6.08 -2.35 6.18
CA ARG A 26 -7.03 -1.49 6.92
C ARG A 26 -7.94 -0.65 6.02
N GLN A 27 -7.44 -0.11 4.91
CA GLN A 27 -8.20 0.78 4.02
C GLN A 27 -7.74 0.69 2.54
N PHE A 28 -7.99 -0.44 1.88
CA PHE A 28 -7.65 -0.65 0.45
C PHE A 28 -8.70 -0.07 -0.53
N ARG A 29 -9.97 0.05 -0.12
CA ARG A 29 -11.12 0.55 -0.91
C ARG A 29 -11.15 0.03 -2.37
N PRO A 30 -11.68 -1.20 -2.60
CA PRO A 30 -11.80 -1.80 -3.93
C PRO A 30 -12.47 -0.89 -4.97
N PRO A 31 -12.06 -0.94 -6.27
CA PRO A 31 -11.11 -1.89 -6.85
C PRO A 31 -9.64 -1.58 -6.52
N SER A 32 -9.30 -0.32 -6.22
CA SER A 32 -8.00 0.11 -5.65
C SER A 32 -8.02 1.60 -5.32
N SER A 33 -7.88 1.94 -4.04
CA SER A 33 -7.62 3.29 -3.51
C SER A 33 -6.87 3.22 -2.18
N CYS A 34 -5.53 3.25 -2.22
CA CYS A 34 -4.67 3.19 -1.03
C CYS A 34 -4.67 4.51 -0.22
N ILE A 35 -4.37 4.41 1.08
CA ILE A 35 -4.24 5.54 2.02
C ILE A 35 -2.79 6.01 2.27
N THR A 36 -1.78 5.28 1.79
CA THR A 36 -0.36 5.53 2.14
C THR A 36 0.45 6.11 0.99
N VAL A 37 0.33 5.52 -0.20
CA VAL A 37 1.21 5.76 -1.36
C VAL A 37 0.37 5.99 -2.64
N GLU A 38 1.01 6.47 -3.71
CA GLU A 38 0.36 6.66 -5.02
C GLU A 38 -0.43 5.44 -5.52
N SER A 39 -1.55 5.77 -6.13
CA SER A 39 -2.72 4.90 -6.33
C SER A 39 -3.39 5.19 -7.69
N PRO A 40 -4.09 4.25 -8.37
CA PRO A 40 -4.43 2.88 -7.94
C PRO A 40 -3.21 1.95 -7.83
N ILE A 41 -3.09 1.28 -6.68
CA ILE A 41 -2.04 0.30 -6.37
C ILE A 41 -2.49 -1.12 -6.77
N SER A 42 -1.55 -1.98 -7.17
CA SER A 42 -1.81 -3.41 -7.27
C SER A 42 -2.04 -4.05 -5.89
N GLU A 43 -3.01 -4.96 -5.79
CA GLU A 43 -3.48 -5.55 -4.51
C GLU A 43 -2.48 -6.46 -3.76
N ASN A 44 -1.26 -6.59 -4.28
CA ASN A 44 -0.12 -7.24 -3.64
C ASN A 44 0.67 -6.26 -2.75
N GLY A 45 1.16 -5.17 -3.32
CA GLY A 45 1.74 -3.99 -2.66
C GLY A 45 2.68 -4.25 -1.47
N TRP A 46 2.17 -4.04 -0.25
CA TRP A 46 2.87 -3.76 1.01
C TRP A 46 3.49 -2.36 1.07
N CYS A 47 2.95 -1.50 1.95
CA CYS A 47 3.66 -0.33 2.48
C CYS A 47 4.41 -0.70 3.76
N ARG A 48 5.46 0.07 4.09
CA ARG A 48 6.22 -0.06 5.35
C ARG A 48 5.35 0.15 6.60
N LEU A 49 4.12 0.64 6.44
CA LEU A 49 3.16 0.94 7.51
C LEU A 49 2.04 -0.12 7.68
N TYR A 50 2.06 -1.22 6.91
CA TYR A 50 1.03 -2.25 6.85
C TYR A 50 0.38 -2.64 8.20
N ALA A 51 -0.96 -2.61 8.22
CA ALA A 51 -1.81 -3.24 9.24
C ALA A 51 -3.09 -3.81 8.57
N GLY A 52 -3.64 -4.87 9.17
CA GLY A 52 -4.79 -5.62 8.70
C GLY A 52 -6.12 -5.25 9.37
N LYS A 53 -7.09 -6.16 9.35
CA LYS A 53 -8.34 -6.06 10.14
C LYS A 53 -8.16 -6.80 11.47
N ALA A 54 -7.98 -6.04 12.56
CA ALA A 54 -7.70 -6.58 13.90
C ALA A 54 -8.77 -7.56 14.40
FE1 SF4 B . -1.79 0.80 0.71
FE2 SF4 B . -2.71 -0.57 2.56
FE3 SF4 B . -1.20 -1.44 0.75
FE4 SF4 B . -0.26 -0.11 2.56
S1 SF4 B . -1.10 -2.12 2.91
S2 SF4 B . 0.30 0.06 0.38
S3 SF4 B . -1.89 1.41 2.90
S4 SF4 B . -3.29 -0.75 0.37
N VAL A 1 1.15 20.55 -7.14
CA VAL A 1 -0.04 19.66 -7.18
C VAL A 1 -0.20 18.89 -5.88
N THR A 2 -1.46 18.65 -5.47
CA THR A 2 -1.81 17.70 -4.41
C THR A 2 -1.61 16.26 -4.90
N LYS A 3 -1.00 15.38 -4.07
CA LYS A 3 -0.74 13.97 -4.41
C LYS A 3 -0.48 13.10 -3.17
N LYS A 4 -0.63 11.77 -3.32
CA LYS A 4 -0.18 10.76 -2.34
C LYS A 4 1.33 10.53 -2.39
N ALA A 5 1.85 9.71 -1.49
CA ALA A 5 3.27 9.35 -1.43
C ALA A 5 3.71 8.47 -2.62
N SER A 6 4.94 8.67 -3.12
CA SER A 6 5.53 7.80 -4.14
C SER A 6 5.83 6.39 -3.62
N HIS A 7 6.07 5.44 -4.52
CA HIS A 7 6.44 4.07 -4.12
C HIS A 7 7.68 4.05 -3.22
N LYS A 8 8.70 4.85 -3.57
CA LYS A 8 9.92 5.09 -2.79
C LYS A 8 9.64 5.62 -1.38
N ASP A 9 8.87 6.70 -1.27
CA ASP A 9 8.62 7.41 -0.01
C ASP A 9 7.71 6.63 0.96
N ALA A 10 6.83 5.79 0.40
CA ALA A 10 5.98 4.85 1.14
C ALA A 10 6.64 3.48 1.44
N GLY A 11 7.81 3.21 0.85
CA GLY A 11 8.50 1.92 0.91
C GLY A 11 7.77 0.75 0.22
N TYR A 12 6.86 1.07 -0.71
CA TYR A 12 6.11 0.11 -1.52
C TYR A 12 7.06 -0.70 -2.43
N GLN A 13 6.72 -1.97 -2.69
CA GLN A 13 7.64 -2.93 -3.33
C GLN A 13 7.00 -3.74 -4.46
N GLU A 14 7.88 -4.22 -5.35
CA GLU A 14 7.56 -4.95 -6.58
C GLU A 14 7.21 -6.44 -6.35
N SER A 15 7.39 -6.94 -5.11
CA SER A 15 6.99 -8.29 -4.70
C SER A 15 6.40 -8.34 -3.27
N PRO A 16 5.48 -9.30 -2.98
CA PRO A 16 4.91 -9.50 -1.64
C PRO A 16 5.96 -9.70 -0.53
N ASN A 17 5.60 -9.37 0.70
CA ASN A 17 6.45 -9.46 1.89
C ASN A 17 6.02 -10.65 2.77
N GLY A 18 6.48 -11.85 2.43
CA GLY A 18 6.17 -13.07 3.19
C GLY A 18 4.67 -13.37 3.15
N ALA A 19 4.06 -13.40 4.34
CA ALA A 19 2.62 -13.58 4.55
C ALA A 19 1.79 -12.27 4.43
N LYS A 20 2.39 -11.18 3.94
CA LYS A 20 1.75 -9.88 3.70
C LYS A 20 1.86 -9.42 2.24
N ARG A 21 0.82 -8.72 1.78
CA ARG A 21 0.82 -7.88 0.57
C ARG A 21 0.22 -6.52 0.94
N CYS A 22 -0.48 -5.85 0.03
CA CYS A 22 -1.51 -4.88 0.44
C CYS A 22 -2.73 -5.64 0.98
N GLY A 23 -3.70 -5.95 0.10
CA GLY A 23 -4.91 -6.72 0.42
C GLY A 23 -5.58 -6.25 1.71
N THR A 24 -5.50 -7.07 2.77
CA THR A 24 -5.95 -6.70 4.12
C THR A 24 -4.81 -6.00 4.89
N CYS A 25 -4.52 -4.75 4.50
CA CYS A 25 -3.64 -3.85 5.25
C CYS A 25 -4.42 -3.12 6.35
N ARG A 26 -3.87 -2.00 6.84
CA ARG A 26 -4.53 -1.07 7.79
C ARG A 26 -5.92 -0.63 7.30
N GLN A 27 -6.11 -0.42 5.99
CA GLN A 27 -7.45 -0.18 5.43
C GLN A 27 -7.59 -0.38 3.90
N PHE A 28 -6.51 -0.24 3.11
CA PHE A 28 -6.43 -0.31 1.63
C PHE A 28 -7.40 0.60 0.82
N ARG A 29 -8.73 0.37 0.92
CA ARG A 29 -9.81 0.98 0.10
C ARG A 29 -9.68 0.71 -1.43
N PRO A 30 -9.82 -0.57 -1.87
CA PRO A 30 -9.79 -1.00 -3.28
C PRO A 30 -10.79 -0.28 -4.21
N PRO A 31 -10.72 -0.46 -5.55
CA PRO A 31 -9.87 -1.42 -6.31
C PRO A 31 -8.51 -0.93 -6.81
N SER A 32 -8.31 0.36 -7.09
CA SER A 32 -7.13 0.88 -7.81
C SER A 32 -6.47 2.10 -7.12
N SER A 33 -7.11 2.64 -6.07
CA SER A 33 -6.49 3.58 -5.11
C SER A 33 -6.00 2.83 -3.86
N CYS A 34 -4.93 3.35 -3.24
CA CYS A 34 -4.50 3.06 -1.87
C CYS A 34 -4.75 4.25 -0.93
N ILE A 35 -4.93 3.96 0.36
CA ILE A 35 -5.03 4.95 1.45
C ILE A 35 -3.75 5.80 1.64
N THR A 36 -2.60 5.37 1.12
CA THR A 36 -1.27 5.96 1.41
C THR A 36 -0.45 6.23 0.14
N VAL A 37 -0.53 5.36 -0.87
CA VAL A 37 0.40 5.35 -2.03
C VAL A 37 -0.23 5.96 -3.29
N GLU A 38 0.62 6.41 -4.22
CA GLU A 38 0.29 6.85 -5.58
C GLU A 38 -0.62 5.91 -6.40
N SER A 39 -1.29 6.49 -7.39
CA SER A 39 -2.28 5.83 -8.26
C SER A 39 -1.74 5.57 -9.68
N PRO A 40 -2.16 4.52 -10.40
CA PRO A 40 -2.98 3.38 -9.96
C PRO A 40 -2.15 2.33 -9.18
N ILE A 41 -2.81 1.49 -8.36
CA ILE A 41 -2.12 0.53 -7.47
C ILE A 41 -2.58 -0.92 -7.65
N SER A 42 -1.63 -1.84 -7.54
CA SER A 42 -1.86 -3.30 -7.49
C SER A 42 -1.82 -3.82 -6.06
N GLU A 43 -2.68 -4.79 -5.73
CA GLU A 43 -2.87 -5.28 -4.35
C GLU A 43 -1.75 -6.20 -3.85
N ASN A 44 -0.78 -6.53 -4.69
CA ASN A 44 0.41 -7.33 -4.38
C ASN A 44 1.57 -6.53 -3.73
N GLY A 45 1.31 -5.32 -3.23
CA GLY A 45 2.30 -4.36 -2.72
C GLY A 45 2.99 -4.69 -1.38
N TRP A 46 2.33 -4.36 -0.26
CA TRP A 46 2.92 -4.04 1.06
C TRP A 46 3.62 -2.67 1.09
N CYS A 47 3.48 -1.92 2.20
CA CYS A 47 4.20 -0.67 2.46
C CYS A 47 4.58 -0.48 3.94
N ARG A 48 5.39 0.56 4.23
CA ARG A 48 5.91 0.87 5.59
C ARG A 48 4.85 1.40 6.58
N LEU A 49 3.60 1.58 6.17
CA LEU A 49 2.45 1.88 7.04
C LEU A 49 1.76 0.61 7.57
N TYR A 50 2.00 -0.55 6.96
CA TYR A 50 1.44 -1.85 7.35
C TYR A 50 1.77 -2.21 8.82
N ALA A 51 0.75 -2.62 9.57
CA ALA A 51 0.79 -3.00 11.00
C ALA A 51 0.51 -4.50 11.20
N GLY A 52 0.79 -5.04 12.39
CA GLY A 52 0.83 -6.49 12.66
C GLY A 52 -0.47 -7.29 12.49
N LYS A 53 -1.61 -6.62 12.34
CA LYS A 53 -2.97 -7.14 12.20
C LYS A 53 -3.06 -8.28 11.18
N ALA A 54 -3.62 -9.39 11.66
CA ALA A 54 -3.84 -10.65 10.94
C ALA A 54 -5.10 -11.40 11.40
FE1 SF4 B . -1.57 0.97 0.65
FE2 SF4 B . -2.04 -0.53 2.56
FE3 SF4 B . -0.73 -1.31 0.50
FE4 SF4 B . 0.26 0.14 2.23
S1 SF4 B . -0.29 -1.96 2.64
S2 SF4 B . 0.50 0.38 0.00
S3 SF4 B . -1.39 1.52 2.87
S4 SF4 B . -2.91 -0.74 0.48
N VAL A 1 -5.07 19.39 -6.55
CA VAL A 1 -4.85 17.92 -6.58
C VAL A 1 -3.43 17.61 -7.02
N THR A 2 -2.75 16.69 -6.33
CA THR A 2 -1.36 16.26 -6.61
C THR A 2 -1.15 14.76 -6.35
N LYS A 3 0.01 14.22 -6.71
CA LYS A 3 0.38 12.81 -6.50
C LYS A 3 0.55 12.50 -5.01
N LYS A 4 0.16 11.30 -4.56
CA LYS A 4 0.42 10.80 -3.20
C LYS A 4 1.87 10.36 -2.99
N ALA A 5 2.21 9.99 -1.76
CA ALA A 5 3.59 9.72 -1.35
C ALA A 5 4.23 8.61 -2.21
N SER A 6 5.48 8.84 -2.62
CA SER A 6 6.12 8.06 -3.68
C SER A 6 6.39 6.61 -3.30
N HIS A 7 6.64 5.79 -4.32
CA HIS A 7 7.11 4.41 -4.19
C HIS A 7 8.28 4.25 -3.20
N LYS A 8 9.20 5.24 -3.16
CA LYS A 8 10.33 5.33 -2.25
C LYS A 8 9.90 5.75 -0.85
N ASP A 9 9.25 6.90 -0.73
CA ASP A 9 8.80 7.52 0.53
C ASP A 9 7.91 6.58 1.37
N ALA A 10 6.99 5.87 0.69
CA ALA A 10 6.09 4.89 1.29
C ALA A 10 6.68 3.47 1.45
N GLY A 11 7.83 3.17 0.84
CA GLY A 11 8.39 1.80 0.83
C GLY A 11 7.47 0.78 0.15
N TYR A 12 6.78 1.18 -0.93
CA TYR A 12 5.85 0.34 -1.70
C TYR A 12 6.62 -0.51 -2.71
N GLN A 13 6.43 -1.84 -2.68
CA GLN A 13 7.37 -2.81 -3.26
C GLN A 13 6.81 -3.70 -4.38
N GLU A 14 7.70 -4.22 -5.22
CA GLU A 14 7.40 -5.08 -6.37
C GLU A 14 7.59 -6.59 -6.05
N SER A 15 8.12 -6.88 -4.88
CA SER A 15 8.41 -8.22 -4.35
C SER A 15 7.45 -8.58 -3.20
N PRO A 16 7.30 -9.86 -2.84
CA PRO A 16 6.38 -10.27 -1.79
C PRO A 16 6.87 -9.91 -0.39
N ASN A 17 5.95 -9.79 0.58
CA ASN A 17 6.24 -9.89 2.02
C ASN A 17 5.52 -11.14 2.58
N GLY A 18 5.93 -12.33 2.13
CA GLY A 18 5.23 -13.58 2.40
C GLY A 18 3.78 -13.52 1.92
N ALA A 19 2.85 -13.62 2.88
CA ALA A 19 1.40 -13.53 2.69
C ALA A 19 0.78 -12.15 3.04
N LYS A 20 1.58 -11.14 3.41
CA LYS A 20 1.10 -9.76 3.66
C LYS A 20 1.02 -8.95 2.35
N ARG A 21 -0.08 -8.22 2.14
CA ARG A 21 -0.29 -7.34 0.98
C ARG A 21 -1.23 -6.18 1.31
N CYS A 22 -1.41 -5.22 0.40
CA CYS A 22 -2.38 -4.12 0.50
C CYS A 22 -3.77 -4.55 0.97
N GLY A 23 -4.39 -5.54 0.30
CA GLY A 23 -5.67 -6.13 0.71
C GLY A 23 -5.77 -6.52 2.19
N THR A 24 -4.66 -6.87 2.84
CA THR A 24 -4.59 -7.36 4.24
C THR A 24 -3.76 -6.45 5.17
N CYS A 25 -3.39 -5.24 4.73
CA CYS A 25 -2.53 -4.31 5.46
C CYS A 25 -3.22 -3.67 6.67
N ARG A 26 -4.13 -2.72 6.40
CA ARG A 26 -4.85 -1.89 7.37
C ARG A 26 -6.14 -1.28 6.82
N GLN A 27 -6.15 -0.74 5.59
CA GLN A 27 -7.27 0.11 5.12
C GLN A 27 -7.49 0.11 3.58
N PHE A 28 -6.85 -0.76 2.81
CA PHE A 28 -7.02 -0.83 1.34
C PHE A 28 -8.47 -1.15 0.93
N ARG A 29 -8.92 -0.54 -0.17
CA ARG A 29 -10.22 -0.80 -0.82
C ARG A 29 -10.00 -1.12 -2.30
N PRO A 30 -10.34 -2.33 -2.79
CA PRO A 30 -10.25 -2.67 -4.20
C PRO A 30 -11.18 -1.80 -5.08
N PRO A 31 -10.82 -1.53 -6.35
CA PRO A 31 -9.67 -2.09 -7.07
C PRO A 31 -8.33 -1.36 -6.85
N SER A 32 -8.28 -0.09 -6.44
CA SER A 32 -7.03 0.70 -6.44
C SER A 32 -6.88 1.75 -5.33
N SER A 33 -7.69 1.70 -4.27
CA SER A 33 -7.68 2.74 -3.23
C SER A 33 -6.86 2.33 -1.99
N CYS A 34 -5.55 2.57 -2.06
CA CYS A 34 -4.74 2.87 -0.87
C CYS A 34 -4.94 4.34 -0.48
N ILE A 35 -4.83 4.65 0.82
CA ILE A 35 -5.02 6.02 1.31
C ILE A 35 -3.72 6.84 1.35
N THR A 36 -2.54 6.22 1.22
CA THR A 36 -1.25 6.90 1.45
C THR A 36 -0.37 7.00 0.20
N VAL A 37 -0.39 6.01 -0.71
CA VAL A 37 0.65 5.86 -1.74
C VAL A 37 0.24 6.31 -3.15
N GLU A 38 1.23 6.61 -3.98
CA GLU A 38 1.10 6.99 -5.41
C GLU A 38 0.25 6.02 -6.26
N SER A 39 -0.62 6.55 -7.12
CA SER A 39 -1.39 5.76 -8.10
C SER A 39 -0.53 5.30 -9.30
N PRO A 40 -0.86 4.16 -9.95
CA PRO A 40 -1.91 3.19 -9.60
C PRO A 40 -1.45 2.18 -8.54
N ILE A 41 -2.38 1.71 -7.72
CA ILE A 41 -2.15 0.63 -6.74
C ILE A 41 -2.80 -0.66 -7.24
N SER A 42 -2.10 -1.79 -7.06
CA SER A 42 -2.63 -3.15 -7.28
C SER A 42 -2.43 -3.98 -6.02
N GLU A 43 -3.38 -4.88 -5.71
CA GLU A 43 -3.54 -5.36 -4.32
C GLU A 43 -2.39 -6.24 -3.79
N ASN A 44 -1.50 -6.73 -4.66
CA ASN A 44 -0.31 -7.50 -4.29
C ASN A 44 0.94 -6.65 -3.96
N GLY A 45 0.83 -5.31 -3.98
CA GLY A 45 1.90 -4.36 -3.71
C GLY A 45 2.59 -4.55 -2.35
N TRP A 46 1.87 -4.23 -1.26
CA TRP A 46 2.40 -3.97 0.08
C TRP A 46 3.30 -2.74 0.18
N CYS A 47 3.24 -2.06 1.34
CA CYS A 47 4.18 -1.02 1.75
C CYS A 47 4.53 -1.20 3.23
N ARG A 48 5.59 -0.53 3.70
CA ARG A 48 6.11 -0.66 5.08
C ARG A 48 5.35 0.16 6.13
N LEU A 49 4.03 0.25 5.91
CA LEU A 49 2.95 0.80 6.75
C LEU A 49 3.24 2.14 7.45
N TYR A 50 2.65 3.22 6.93
CA TYR A 50 2.69 4.57 7.47
C TYR A 50 1.78 4.78 8.71
N ALA A 51 0.92 3.80 9.02
CA ALA A 51 0.06 3.78 10.21
C ALA A 51 -0.08 2.37 10.81
N GLY A 52 -0.55 2.31 12.06
CA GLY A 52 -0.66 1.08 12.85
C GLY A 52 -1.82 0.14 12.47
N LYS A 53 -1.88 -1.00 13.15
CA LYS A 53 -3.04 -1.91 13.21
C LYS A 53 -3.91 -1.48 14.38
N ALA A 54 -5.19 -1.24 14.10
CA ALA A 54 -6.22 -0.97 15.11
C ALA A 54 -6.54 -2.22 15.94
FE1 SF4 B . -1.45 1.07 1.02
FE2 SF4 B . -1.68 -0.85 2.57
FE3 SF4 B . -0.69 -1.18 0.28
FE4 SF4 B . 0.46 -0.10 2.06
S1 SF4 B . 0.04 -2.23 2.17
S2 SF4 B . 0.48 0.61 -0.07
S3 SF4 B . -0.99 1.09 3.26
S4 SF4 B . -2.84 -0.58 0.64
N VAL A 1 -5.34 16.30 -10.10
CA VAL A 1 -5.23 16.00 -8.66
C VAL A 1 -3.79 16.01 -8.18
N THR A 2 -3.49 16.51 -6.97
CA THR A 2 -2.13 16.48 -6.40
C THR A 2 -1.73 15.07 -5.95
N LYS A 3 -0.52 14.63 -6.28
CA LYS A 3 0.00 13.28 -6.01
C LYS A 3 0.20 13.00 -4.51
N LYS A 4 0.09 11.73 -4.10
CA LYS A 4 0.52 11.21 -2.79
C LYS A 4 1.97 10.69 -2.78
N ALA A 5 2.43 10.24 -1.62
CA ALA A 5 3.84 9.82 -1.42
C ALA A 5 4.27 8.72 -2.39
N SER A 6 5.47 8.82 -2.96
CA SER A 6 5.92 7.94 -4.05
C SER A 6 6.06 6.46 -3.66
N HIS A 7 6.07 5.59 -4.68
CA HIS A 7 6.46 4.17 -4.53
C HIS A 7 7.69 3.96 -3.62
N LYS A 8 8.76 4.73 -3.80
CA LYS A 8 9.96 4.72 -2.96
C LYS A 8 9.69 5.26 -1.55
N ASP A 9 9.15 6.48 -1.46
CA ASP A 9 8.92 7.21 -0.18
C ASP A 9 8.08 6.39 0.82
N ALA A 10 7.02 5.74 0.34
CA ALA A 10 6.14 4.90 1.16
C ALA A 10 6.63 3.43 1.34
N GLY A 11 7.76 3.06 0.74
CA GLY A 11 8.36 1.72 0.85
C GLY A 11 7.62 0.61 0.07
N TYR A 12 6.87 0.97 -0.98
CA TYR A 12 6.08 0.06 -1.82
C TYR A 12 6.98 -0.79 -2.74
N GLN A 13 6.51 -1.98 -3.13
CA GLN A 13 7.34 -3.03 -3.74
C GLN A 13 6.66 -3.85 -4.83
N GLU A 14 7.46 -4.58 -5.63
CA GLU A 14 7.01 -5.41 -6.75
C GLU A 14 6.50 -6.82 -6.34
N SER A 15 6.73 -7.24 -5.09
CA SER A 15 6.21 -8.49 -4.51
C SER A 15 6.00 -8.39 -2.99
N PRO A 16 5.09 -9.22 -2.40
CA PRO A 16 4.72 -9.19 -0.98
C PRO A 16 5.92 -9.22 -0.02
N ASN A 17 5.78 -8.62 1.16
CA ASN A 17 6.76 -8.66 2.25
C ASN A 17 6.56 -9.96 3.04
N GLY A 18 6.99 -11.09 2.46
CA GLY A 18 6.67 -12.43 2.94
C GLY A 18 5.16 -12.62 3.14
N ALA A 19 4.74 -12.77 4.40
CA ALA A 19 3.34 -12.96 4.77
C ALA A 19 2.41 -11.77 4.44
N LYS A 20 2.94 -10.56 4.21
CA LYS A 20 2.14 -9.32 4.11
C LYS A 20 2.07 -8.77 2.68
N ARG A 21 0.87 -8.44 2.18
CA ARG A 21 0.62 -7.75 0.89
C ARG A 21 -0.34 -6.57 1.05
N CYS A 22 -0.75 -5.93 -0.04
CA CYS A 22 -1.77 -4.87 -0.05
C CYS A 22 -3.22 -5.37 0.01
N GLY A 23 -3.56 -6.44 -0.72
CA GLY A 23 -4.92 -6.92 -1.01
C GLY A 23 -5.95 -6.97 0.13
N THR A 24 -5.54 -7.16 1.38
CA THR A 24 -6.40 -7.00 2.56
C THR A 24 -6.21 -5.59 3.15
N CYS A 25 -5.08 -5.36 3.83
CA CYS A 25 -4.66 -4.09 4.46
C CYS A 25 -5.72 -3.45 5.41
N ARG A 26 -5.48 -2.20 5.81
CA ARG A 26 -6.48 -1.28 6.39
C ARG A 26 -6.81 -0.09 5.47
N GLN A 27 -6.12 0.07 4.34
CA GLN A 27 -6.20 1.27 3.50
C GLN A 27 -6.38 0.99 1.99
N PHE A 28 -6.19 -0.25 1.52
CA PHE A 28 -6.24 -0.62 0.08
C PHE A 28 -7.56 -0.26 -0.62
N ARG A 29 -8.70 -0.42 0.07
CA ARG A 29 -10.08 -0.03 -0.34
C ARG A 29 -10.32 -0.19 -1.86
N PRO A 30 -10.56 -1.44 -2.34
CA PRO A 30 -10.57 -1.80 -3.76
C PRO A 30 -11.50 -0.93 -4.64
N PRO A 31 -11.27 -0.83 -5.97
CA PRO A 31 -10.46 -1.75 -6.78
C PRO A 31 -8.94 -1.64 -6.61
N SER A 32 -8.42 -0.44 -6.34
CA SER A 32 -6.97 -0.18 -6.29
C SER A 32 -6.59 1.06 -5.46
N SER A 33 -7.51 1.55 -4.63
CA SER A 33 -7.56 2.96 -4.23
C SER A 33 -6.94 3.22 -2.86
N CYS A 34 -5.64 2.96 -2.77
CA CYS A 34 -4.81 3.30 -1.62
C CYS A 34 -4.61 4.83 -1.51
N ILE A 35 -4.34 5.28 -0.29
CA ILE A 35 -4.04 6.67 0.07
C ILE A 35 -2.82 6.80 1.00
N THR A 36 -2.12 5.70 1.30
CA THR A 36 -0.78 5.74 1.91
C THR A 36 0.28 6.10 0.86
N VAL A 37 0.00 5.77 -0.41
CA VAL A 37 0.90 5.85 -1.57
C VAL A 37 0.20 6.56 -2.75
N GLU A 38 0.98 7.07 -3.70
CA GLU A 38 0.53 7.42 -5.06
C GLU A 38 -0.33 6.31 -5.71
N SER A 39 -1.41 6.65 -6.41
CA SER A 39 -2.44 5.68 -6.87
C SER A 39 -2.76 5.76 -8.38
N PRO A 40 -3.33 4.71 -9.00
CA PRO A 40 -3.78 3.41 -8.44
C PRO A 40 -2.64 2.49 -7.99
N ILE A 41 -2.95 1.52 -7.12
CA ILE A 41 -2.01 0.56 -6.50
C ILE A 41 -2.38 -0.91 -6.81
N SER A 42 -1.38 -1.79 -6.88
CA SER A 42 -1.56 -3.23 -7.11
C SER A 42 -1.69 -4.01 -5.80
N GLU A 43 -2.56 -5.03 -5.78
CA GLU A 43 -2.88 -5.86 -4.61
C GLU A 43 -1.68 -6.65 -4.02
N ASN A 44 -0.56 -6.76 -4.75
CA ASN A 44 0.60 -7.56 -4.37
C ASN A 44 1.65 -6.80 -3.52
N GLY A 45 1.48 -5.50 -3.28
CA GLY A 45 2.51 -4.65 -2.65
C GLY A 45 2.85 -4.93 -1.17
N TRP A 46 2.05 -4.41 -0.25
CA TRP A 46 2.47 -3.96 1.10
C TRP A 46 3.42 -2.74 1.07
N CYS A 47 3.33 -1.92 2.11
CA CYS A 47 4.15 -0.72 2.33
C CYS A 47 4.57 -0.59 3.81
N ARG A 48 5.55 0.28 4.11
CA ARG A 48 6.18 0.46 5.43
C ARG A 48 5.30 1.11 6.53
N LEU A 49 3.96 1.03 6.40
CA LEU A 49 3.05 1.24 7.54
C LEU A 49 2.99 -0.05 8.39
N TYR A 50 3.86 -0.17 9.40
CA TYR A 50 3.99 -1.39 10.23
C TYR A 50 2.83 -1.52 11.22
N ALA A 51 1.90 -2.44 10.94
CA ALA A 51 0.63 -2.59 11.66
C ALA A 51 0.18 -4.05 11.83
N GLY A 52 -0.67 -4.28 12.85
CA GLY A 52 -1.21 -5.56 13.28
C GLY A 52 -2.23 -6.25 12.36
N LYS A 53 -2.45 -5.71 11.17
CA LYS A 53 -3.22 -6.30 10.05
C LYS A 53 -2.35 -7.33 9.31
N ALA A 54 -2.70 -8.61 9.46
CA ALA A 54 -2.06 -9.74 8.77
C ALA A 54 -2.83 -10.15 7.50
FE1 SF4 B . -1.62 1.02 0.59
FE2 SF4 B . -2.12 -0.77 2.27
FE3 SF4 B . -0.78 -1.21 0.20
FE4 SF4 B . 0.25 -0.01 2.10
S1 SF4 B . -0.35 -2.15 2.21
S2 SF4 B . 0.48 0.50 -0.11
S3 SF4 B . -1.47 1.22 2.86
S4 SF4 B . -2.95 -0.67 0.14
N VAL A 1 -1.05 18.87 6.81
CA VAL A 1 -2.07 18.25 5.94
C VAL A 1 -1.75 16.77 5.70
N THR A 2 -2.78 15.93 5.56
CA THR A 2 -2.65 14.49 5.25
C THR A 2 -2.38 14.27 3.74
N LYS A 3 -1.14 14.48 3.28
CA LYS A 3 -0.71 14.26 1.88
C LYS A 3 -0.13 12.86 1.66
N LYS A 4 -0.59 12.17 0.61
CA LYS A 4 -0.21 10.79 0.27
C LYS A 4 1.25 10.66 -0.17
N ALA A 5 1.83 9.52 0.21
CA ALA A 5 3.22 9.17 -0.07
C ALA A 5 3.42 8.61 -1.50
N SER A 6 4.60 8.85 -2.09
CA SER A 6 5.02 8.17 -3.32
C SER A 6 5.44 6.72 -3.04
N HIS A 7 5.55 5.90 -4.09
CA HIS A 7 6.03 4.51 -3.99
C HIS A 7 7.48 4.43 -3.45
N LYS A 8 8.28 5.48 -3.67
CA LYS A 8 9.60 5.67 -3.05
C LYS A 8 9.50 5.92 -1.54
N ASP A 9 8.77 6.95 -1.14
CA ASP A 9 8.63 7.38 0.26
C ASP A 9 7.94 6.33 1.15
N ALA A 10 6.93 5.68 0.60
CA ALA A 10 6.20 4.57 1.25
C ALA A 10 6.99 3.24 1.31
N GLY A 11 8.14 3.16 0.64
CA GLY A 11 8.99 1.96 0.66
C GLY A 11 8.36 0.73 -0.02
N TYR A 12 7.65 0.95 -1.14
CA TYR A 12 7.03 -0.09 -1.98
C TYR A 12 8.06 -1.14 -2.46
N GLN A 13 7.60 -2.38 -2.72
CA GLN A 13 8.44 -3.50 -3.16
C GLN A 13 7.79 -4.36 -4.25
N GLU A 14 8.60 -4.86 -5.18
CA GLU A 14 8.17 -5.71 -6.30
C GLU A 14 7.89 -7.17 -5.93
N SER A 15 8.25 -7.56 -4.71
CA SER A 15 8.20 -8.94 -4.19
C SER A 15 7.51 -9.07 -2.83
N PRO A 16 6.96 -10.26 -2.50
CA PRO A 16 5.99 -10.41 -1.42
C PRO A 16 6.61 -10.37 -0.02
N ASN A 17 5.86 -9.81 0.94
CA ASN A 17 6.15 -9.88 2.38
C ASN A 17 5.51 -11.14 2.98
N GLY A 18 5.97 -12.32 2.53
CA GLY A 18 5.33 -13.60 2.85
C GLY A 18 3.90 -13.65 2.29
N ALA A 19 2.91 -13.58 3.19
CA ALA A 19 1.48 -13.48 2.87
C ALA A 19 0.90 -12.06 3.04
N LYS A 20 1.61 -11.12 3.68
CA LYS A 20 1.13 -9.73 3.89
C LYS A 20 1.18 -8.95 2.57
N ARG A 21 0.10 -8.27 2.18
CA ARG A 21 0.01 -7.45 0.95
C ARG A 21 -0.61 -6.08 1.28
N CYS A 22 -1.08 -5.33 0.29
CA CYS A 22 -2.15 -4.34 0.49
C CYS A 22 -3.46 -5.05 0.97
N GLY A 23 -4.50 -5.16 0.14
CA GLY A 23 -5.70 -6.01 0.36
C GLY A 23 -6.58 -5.67 1.57
N THR A 24 -6.10 -5.95 2.77
CA THR A 24 -6.58 -5.43 4.07
C THR A 24 -5.34 -5.07 4.90
N CYS A 25 -5.04 -3.77 4.96
CA CYS A 25 -3.80 -3.20 5.48
C CYS A 25 -4.11 -1.99 6.39
N ARG A 26 -3.20 -1.00 6.41
CA ARG A 26 -3.44 0.35 6.96
C ARG A 26 -4.72 0.98 6.42
N GLN A 27 -4.95 1.03 5.09
CA GLN A 27 -6.10 1.73 4.46
C GLN A 27 -6.61 1.21 3.08
N PHE A 28 -6.16 0.07 2.51
CA PHE A 28 -6.53 -0.33 1.12
C PHE A 28 -8.04 -0.42 0.84
N ARG A 29 -8.49 0.13 -0.30
CA ARG A 29 -9.83 -0.05 -0.89
C ARG A 29 -9.74 -0.74 -2.27
N PRO A 30 -10.45 -1.85 -2.51
CA PRO A 30 -10.61 -2.43 -3.84
C PRO A 30 -11.35 -1.47 -4.81
N PRO A 31 -11.09 -1.56 -6.14
CA PRO A 31 -10.26 -2.57 -6.79
C PRO A 31 -8.74 -2.28 -6.78
N SER A 32 -8.34 -0.99 -6.75
CA SER A 32 -6.97 -0.55 -7.11
C SER A 32 -6.46 0.66 -6.31
N SER A 33 -6.97 0.90 -5.10
CA SER A 33 -6.80 2.19 -4.40
C SER A 33 -6.17 2.04 -3.01
N CYS A 34 -4.87 2.39 -2.90
CA CYS A 34 -4.31 2.80 -1.62
C CYS A 34 -4.74 4.23 -1.28
N ILE A 35 -5.04 4.49 0.00
CA ILE A 35 -5.34 5.84 0.54
C ILE A 35 -4.12 6.43 1.27
N THR A 36 -3.08 5.62 1.52
CA THR A 36 -1.77 6.04 2.01
C THR A 36 -0.84 6.45 0.87
N VAL A 37 -0.83 5.68 -0.21
CA VAL A 37 0.16 5.72 -1.31
C VAL A 37 -0.49 6.13 -2.63
N GLU A 38 0.27 6.81 -3.49
CA GLU A 38 -0.16 7.25 -4.82
C GLU A 38 -0.66 6.11 -5.72
N SER A 39 -1.63 6.47 -6.56
CA SER A 39 -2.59 5.55 -7.20
C SER A 39 -2.67 5.72 -8.73
N PRO A 40 -3.21 4.74 -9.49
CA PRO A 40 -3.65 3.41 -9.05
C PRO A 40 -2.48 2.50 -8.61
N ILE A 41 -2.82 1.44 -7.88
CA ILE A 41 -1.89 0.43 -7.35
C ILE A 41 -2.47 -0.98 -7.57
N SER A 42 -1.62 -1.99 -7.76
CA SER A 42 -2.00 -3.41 -7.75
C SER A 42 -1.68 -4.03 -6.38
N GLU A 43 -2.60 -4.85 -5.85
CA GLU A 43 -2.69 -5.07 -4.39
C GLU A 43 -1.60 -5.99 -3.79
N ASN A 44 -0.73 -6.56 -4.63
CA ASN A 44 0.47 -7.26 -4.21
C ASN A 44 1.55 -6.32 -3.63
N GLY A 45 1.48 -5.00 -3.91
CA GLY A 45 2.50 -4.00 -3.58
C GLY A 45 3.12 -4.09 -2.18
N TRP A 46 2.33 -3.81 -1.14
CA TRP A 46 2.75 -3.59 0.25
C TRP A 46 3.65 -2.35 0.46
N CYS A 47 3.49 -1.65 1.60
CA CYS A 47 4.30 -0.51 2.01
C CYS A 47 4.94 -0.72 3.40
N ARG A 48 6.06 -0.04 3.65
CA ARG A 48 6.71 -0.02 4.98
C ARG A 48 5.92 0.79 6.03
N LEU A 49 4.80 1.40 5.61
CA LEU A 49 3.85 2.13 6.46
C LEU A 49 2.78 1.21 7.09
N TYR A 50 2.79 -0.09 6.78
CA TYR A 50 1.90 -1.13 7.35
C TYR A 50 1.79 -1.06 8.89
N ALA A 51 0.63 -1.46 9.43
CA ALA A 51 0.20 -1.18 10.79
C ALA A 51 -0.14 -2.43 11.62
N GLY A 52 -0.37 -2.26 12.92
CA GLY A 52 -0.70 -3.31 13.90
C GLY A 52 -2.13 -3.87 13.85
N LYS A 53 -2.97 -3.36 12.93
CA LYS A 53 -4.34 -3.77 12.67
C LYS A 53 -4.47 -5.29 12.56
N ALA A 54 -5.41 -5.79 13.33
CA ALA A 54 -5.90 -7.18 13.37
C ALA A 54 -7.36 -7.27 13.85
FE1 SF4 B . -1.39 1.22 0.79
FE2 SF4 B . -1.98 -0.50 2.40
FE3 SF4 B . -0.67 -1.07 0.34
FE4 SF4 B . 0.28 0.10 2.20
S1 SF4 B . -0.32 -1.99 2.38
S2 SF4 B . 0.64 0.62 0.04
S3 SF4 B . -1.30 1.45 3.04
S4 SF4 B . -2.82 -0.34 0.31
N VAL A 1 -6.17 14.47 -1.22
CA VAL A 1 -6.07 15.92 -1.47
C VAL A 1 -4.72 16.47 -1.02
N THR A 2 -4.42 16.48 0.29
CA THR A 2 -3.08 16.81 0.79
C THR A 2 -2.09 15.70 0.46
N LYS A 3 -0.81 16.05 0.26
CA LYS A 3 0.13 15.23 -0.51
C LYS A 3 0.51 13.92 0.19
N LYS A 4 0.18 12.83 -0.49
CA LYS A 4 0.41 11.42 -0.12
C LYS A 4 1.88 11.01 -0.20
N ALA A 5 2.20 9.77 0.18
CA ALA A 5 3.54 9.21 -0.02
C ALA A 5 3.76 8.73 -1.47
N SER A 6 4.94 8.92 -2.03
CA SER A 6 5.34 8.28 -3.30
C SER A 6 5.60 6.79 -3.10
N HIS A 7 5.65 6.02 -4.19
CA HIS A 7 6.02 4.58 -4.11
C HIS A 7 7.46 4.40 -3.60
N LYS A 8 8.33 5.39 -3.88
CA LYS A 8 9.69 5.49 -3.34
C LYS A 8 9.69 5.65 -1.82
N ASP A 9 9.01 6.69 -1.32
CA ASP A 9 8.91 7.02 0.12
C ASP A 9 8.24 5.89 0.93
N ALA A 10 7.20 5.29 0.37
CA ALA A 10 6.48 4.15 0.94
C ALA A 10 7.27 2.83 0.93
N GLY A 11 8.43 2.76 0.26
CA GLY A 11 9.25 1.55 0.14
C GLY A 11 8.54 0.42 -0.62
N TYR A 12 7.70 0.78 -1.60
CA TYR A 12 6.81 -0.15 -2.31
C TYR A 12 7.58 -1.13 -3.22
N GLN A 13 6.94 -2.22 -3.63
CA GLN A 13 7.61 -3.36 -4.27
C GLN A 13 6.77 -4.09 -5.34
N GLU A 14 7.43 -4.96 -6.08
CA GLU A 14 6.90 -5.74 -7.19
C GLU A 14 6.26 -7.08 -6.77
N SER A 15 6.46 -7.50 -5.51
CA SER A 15 5.93 -8.74 -4.93
C SER A 15 5.81 -8.62 -3.40
N PRO A 16 4.91 -9.38 -2.73
CA PRO A 16 4.47 -9.09 -1.37
C PRO A 16 5.51 -9.44 -0.30
N ASN A 17 5.34 -8.90 0.90
CA ASN A 17 6.18 -9.18 2.06
C ASN A 17 5.67 -10.44 2.79
N GLY A 18 5.77 -11.59 2.12
CA GLY A 18 5.31 -12.89 2.62
C GLY A 18 3.81 -12.87 2.94
N ALA A 19 3.48 -12.99 4.23
CA ALA A 19 2.11 -12.92 4.72
C ALA A 19 1.50 -11.50 4.74
N LYS A 20 2.31 -10.45 4.51
CA LYS A 20 1.87 -9.04 4.50
C LYS A 20 1.76 -8.52 3.06
N ARG A 21 0.58 -8.00 2.71
CA ARG A 21 0.15 -7.68 1.34
C ARG A 21 -0.89 -6.54 1.34
N CYS A 22 -0.93 -5.73 0.27
CA CYS A 22 -1.90 -4.64 0.08
C CYS A 22 -3.36 -5.13 0.12
N GLY A 23 -3.71 -6.21 -0.60
CA GLY A 23 -5.08 -6.74 -0.66
C GLY A 23 -5.72 -7.14 0.67
N THR A 24 -4.93 -7.41 1.72
CA THR A 24 -5.39 -7.62 3.11
C THR A 24 -4.84 -6.56 4.09
N CYS A 25 -4.43 -5.40 3.58
CA CYS A 25 -4.04 -4.23 4.38
C CYS A 25 -5.25 -3.41 4.81
N ARG A 26 -5.16 -2.72 5.96
CA ARG A 26 -6.25 -1.92 6.56
C ARG A 26 -6.31 -0.49 6.01
N GLN A 27 -5.54 -0.21 4.96
CA GLN A 27 -5.51 1.06 4.21
C GLN A 27 -6.00 0.93 2.75
N PHE A 28 -6.17 -0.29 2.25
CA PHE A 28 -6.52 -0.60 0.85
C PHE A 28 -7.99 -0.32 0.48
N ARG A 29 -8.26 -0.15 -0.81
CA ARG A 29 -9.60 -0.04 -1.43
C ARG A 29 -9.56 -0.69 -2.83
N PRO A 30 -10.30 -1.79 -3.08
CA PRO A 30 -10.45 -2.35 -4.43
C PRO A 30 -11.07 -1.32 -5.39
N PRO A 31 -10.70 -1.34 -6.70
CA PRO A 31 -9.78 -2.28 -7.33
C PRO A 31 -8.30 -1.96 -7.08
N SER A 32 -7.90 -0.68 -7.01
CA SER A 32 -6.50 -0.26 -7.10
C SER A 32 -6.18 1.04 -6.35
N SER A 33 -6.69 1.21 -5.12
CA SER A 33 -6.48 2.41 -4.28
C SER A 33 -5.92 2.08 -2.88
N CYS A 34 -5.18 3.02 -2.28
CA CYS A 34 -4.65 2.97 -0.91
C CYS A 34 -4.71 4.35 -0.25
N ILE A 35 -5.04 4.40 1.04
CA ILE A 35 -5.28 5.66 1.77
C ILE A 35 -4.00 6.31 2.33
N THR A 36 -2.81 5.79 2.02
CA THR A 36 -1.51 6.42 2.42
C THR A 36 -0.56 6.71 1.25
N VAL A 37 -0.48 5.82 0.25
CA VAL A 37 0.46 5.94 -0.89
C VAL A 37 -0.25 6.40 -2.18
N GLU A 38 0.47 7.03 -3.09
CA GLU A 38 -0.01 7.43 -4.41
C GLU A 38 -0.50 6.25 -5.27
N SER A 39 -1.35 6.55 -6.27
CA SER A 39 -2.17 5.54 -6.95
C SER A 39 -2.18 5.70 -8.50
N PRO A 40 -2.61 4.69 -9.28
CA PRO A 40 -3.09 3.36 -8.88
C PRO A 40 -2.05 2.52 -8.11
N ILE A 41 -2.54 1.62 -7.27
CA ILE A 41 -1.73 0.75 -6.40
C ILE A 41 -2.08 -0.74 -6.63
N SER A 42 -1.19 -1.66 -6.25
CA SER A 42 -1.38 -3.11 -6.48
C SER A 42 -2.30 -3.75 -5.44
N GLU A 43 -2.94 -4.87 -5.80
CA GLU A 43 -3.51 -5.83 -4.85
C GLU A 43 -2.44 -6.55 -4.02
N ASN A 44 -1.16 -6.40 -4.38
CA ASN A 44 -0.05 -7.28 -4.00
C ASN A 44 0.96 -6.58 -3.05
N GLY A 45 1.99 -5.91 -3.56
CA GLY A 45 2.71 -4.82 -2.87
C GLY A 45 3.20 -5.03 -1.43
N TRP A 46 2.46 -4.47 -0.46
CA TRP A 46 2.91 -4.07 0.89
C TRP A 46 3.86 -2.85 0.91
N CYS A 47 3.74 -2.01 1.95
CA CYS A 47 4.55 -0.80 2.18
C CYS A 47 5.22 -0.78 3.56
N ARG A 48 6.31 -0.01 3.66
CA ARG A 48 7.05 0.27 4.90
C ARG A 48 6.36 1.27 5.85
N LEU A 49 5.15 1.72 5.53
CA LEU A 49 4.36 2.71 6.29
C LEU A 49 3.41 2.03 7.29
N TYR A 50 2.82 2.81 8.21
CA TYR A 50 1.96 2.28 9.29
C TYR A 50 0.52 2.84 9.28
N ALA A 51 -0.45 1.96 9.57
CA ALA A 51 -1.88 2.26 9.66
C ALA A 51 -2.29 2.88 11.01
N GLY A 52 -3.42 3.58 11.03
CA GLY A 52 -4.19 3.94 12.21
C GLY A 52 -4.96 2.76 12.81
N LYS A 53 -5.49 1.89 11.95
CA LYS A 53 -6.05 0.56 12.29
C LYS A 53 -4.91 -0.41 12.61
N ALA A 54 -4.43 -0.33 13.85
CA ALA A 54 -3.30 -1.08 14.40
C ALA A 54 -3.62 -1.69 15.77
FE1 SF4 B . -1.41 0.79 1.21
FE2 SF4 B . -1.53 -1.00 2.82
FE3 SF4 B . -0.60 -1.37 0.51
FE4 SF4 B . 0.65 -0.24 2.31
S1 SF4 B . 0.16 -2.39 2.39
S2 SF4 B . 0.55 0.43 0.17
S3 SF4 B . -0.88 0.94 3.43
S4 SF4 B . -2.77 -0.90 0.93
N VAL A 1 -4.23 21.05 -1.77
CA VAL A 1 -4.28 19.83 -2.61
C VAL A 1 -2.88 19.27 -2.79
N THR A 2 -2.51 18.32 -1.94
CA THR A 2 -1.19 17.67 -1.95
C THR A 2 -1.20 16.31 -2.66
N LYS A 3 -0.01 15.77 -2.95
CA LYS A 3 0.22 14.44 -3.52
C LYS A 3 0.66 13.45 -2.44
N LYS A 4 0.35 12.16 -2.60
CA LYS A 4 0.81 11.10 -1.69
C LYS A 4 2.28 10.73 -1.93
N ALA A 5 2.78 9.94 -1.00
CA ALA A 5 4.16 9.46 -0.97
C ALA A 5 4.54 8.63 -2.22
N SER A 6 5.76 8.83 -2.74
CA SER A 6 6.28 8.04 -3.88
C SER A 6 6.48 6.56 -3.51
N HIS A 7 6.65 5.70 -4.51
CA HIS A 7 6.87 4.27 -4.28
C HIS A 7 8.22 3.96 -3.58
N LYS A 8 9.22 4.85 -3.65
CA LYS A 8 10.42 4.80 -2.79
C LYS A 8 10.07 5.15 -1.34
N ASP A 9 9.45 6.31 -1.14
CA ASP A 9 9.10 6.86 0.18
C ASP A 9 8.13 5.97 0.98
N ALA A 10 7.21 5.31 0.30
CA ALA A 10 6.26 4.36 0.85
C ALA A 10 6.80 2.92 1.06
N GLY A 11 7.95 2.57 0.45
CA GLY A 11 8.58 1.25 0.60
C GLY A 11 8.07 0.13 -0.33
N TYR A 12 7.56 0.47 -1.52
CA TYR A 12 7.07 -0.48 -2.55
C TYR A 12 8.08 -1.61 -2.87
N GLN A 13 7.53 -2.81 -3.16
CA GLN A 13 8.29 -3.99 -3.59
C GLN A 13 7.49 -4.94 -4.50
N GLU A 14 8.17 -5.48 -5.51
CA GLU A 14 7.58 -6.39 -6.50
C GLU A 14 7.21 -7.79 -5.97
N SER A 15 7.60 -8.14 -4.75
CA SER A 15 7.31 -9.42 -4.08
C SER A 15 6.83 -9.22 -2.63
N PRO A 16 5.91 -10.06 -2.11
CA PRO A 16 5.21 -9.79 -0.85
C PRO A 16 6.08 -10.02 0.40
N ASN A 17 5.75 -9.30 1.47
CA ASN A 17 6.46 -9.33 2.75
C ASN A 17 5.90 -10.45 3.64
N GLY A 18 6.32 -11.70 3.36
CA GLY A 18 5.72 -12.89 3.95
C GLY A 18 4.26 -13.03 3.50
N ALA A 19 3.35 -12.98 4.46
CA ALA A 19 1.90 -12.94 4.22
C ALA A 19 1.35 -11.54 3.89
N LYS A 20 2.15 -10.46 4.01
CA LYS A 20 1.68 -9.07 3.92
C LYS A 20 1.85 -8.45 2.53
N ARG A 21 0.74 -8.01 1.93
CA ARG A 21 0.68 -7.08 0.78
C ARG A 21 -0.68 -6.35 0.75
N CYS A 22 -0.87 -5.42 -0.18
CA CYS A 22 -2.13 -4.73 -0.45
C CYS A 22 -3.39 -5.64 -0.48
N GLY A 23 -3.38 -6.77 -1.20
CA GLY A 23 -4.45 -7.78 -1.20
C GLY A 23 -4.85 -8.37 0.17
N THR A 24 -4.02 -8.25 1.21
CA THR A 24 -4.29 -8.65 2.61
C THR A 24 -4.28 -7.46 3.59
N CYS A 25 -4.12 -6.23 3.09
CA CYS A 25 -3.89 -5.03 3.89
C CYS A 25 -5.12 -4.57 4.69
N ARG A 26 -4.86 -3.82 5.75
CA ARG A 26 -5.85 -3.12 6.59
C ARG A 26 -6.41 -1.84 5.94
N GLN A 27 -5.86 -1.40 4.79
CA GLN A 27 -6.13 -0.09 4.19
C GLN A 27 -6.17 -0.06 2.64
N PHE A 28 -6.22 -1.20 1.95
CA PHE A 28 -6.28 -1.23 0.48
C PHE A 28 -7.58 -0.67 -0.11
N ARG A 29 -8.70 -0.79 0.63
CA ARG A 29 -10.08 -0.39 0.29
C ARG A 29 -10.40 -0.48 -1.21
N PRO A 30 -10.73 -1.68 -1.73
CA PRO A 30 -10.81 -1.94 -3.16
C PRO A 30 -11.81 -1.03 -3.92
N PRO A 31 -11.64 -0.87 -5.25
CA PRO A 31 -10.60 -1.50 -6.07
C PRO A 31 -9.16 -0.96 -5.89
N SER A 32 -8.93 0.23 -5.31
CA SER A 32 -7.57 0.82 -5.19
C SER A 32 -7.38 1.97 -4.16
N SER A 33 -8.25 2.16 -3.16
CA SER A 33 -8.17 3.33 -2.26
C SER A 33 -7.28 3.10 -1.02
N CYS A 34 -6.01 2.83 -1.32
CA CYS A 34 -4.90 3.02 -0.38
C CYS A 34 -4.65 4.51 -0.16
N ILE A 35 -4.20 4.85 1.04
CA ILE A 35 -3.80 6.21 1.44
C ILE A 35 -2.34 6.26 1.94
N THR A 36 -1.55 5.20 1.71
CA THR A 36 -0.11 5.21 2.00
C THR A 36 0.72 5.64 0.80
N VAL A 37 0.34 5.28 -0.44
CA VAL A 37 1.20 5.45 -1.63
C VAL A 37 0.50 6.12 -2.82
N GLU A 38 1.31 6.66 -3.75
CA GLU A 38 0.89 7.18 -5.07
C GLU A 38 0.06 6.20 -5.90
N SER A 39 -0.86 6.81 -6.64
CA SER A 39 -2.01 6.16 -7.31
C SER A 39 -1.78 5.90 -8.82
N PRO A 40 -2.52 4.97 -9.46
CA PRO A 40 -3.49 4.04 -8.87
C PRO A 40 -2.83 2.81 -8.23
N ILE A 41 -3.35 2.35 -7.09
CA ILE A 41 -2.70 1.34 -6.25
C ILE A 41 -3.16 -0.09 -6.60
N SER A 42 -2.22 -1.02 -6.76
CA SER A 42 -2.46 -2.40 -7.18
C SER A 42 -2.69 -3.38 -6.02
N GLU A 43 -3.17 -4.59 -6.31
CA GLU A 43 -3.33 -5.68 -5.32
C GLU A 43 -2.01 -6.28 -4.81
N ASN A 44 -0.89 -5.97 -5.47
CA ASN A 44 0.47 -6.24 -5.01
C ASN A 44 1.32 -4.95 -4.99
N GLY A 45 2.25 -4.85 -4.03
CA GLY A 45 3.15 -3.71 -3.86
C GLY A 45 3.67 -3.51 -2.44
N TRP A 46 2.81 -3.63 -1.42
CA TRP A 46 3.10 -3.39 0.01
C TRP A 46 3.61 -1.97 0.32
N CYS A 47 3.56 -1.56 1.59
CA CYS A 47 4.11 -0.30 2.07
C CYS A 47 4.39 -0.31 3.58
N ARG A 48 5.04 0.75 4.07
CA ARG A 48 5.27 1.07 5.50
C ARG A 48 3.99 1.48 6.27
N LEU A 49 2.82 1.53 5.62
CA LEU A 49 1.49 1.92 6.12
C LEU A 49 1.35 3.37 6.66
N TYR A 50 0.21 4.02 6.39
CA TYR A 50 -0.18 5.36 6.89
C TYR A 50 -1.48 5.36 7.74
N ALA A 51 -2.02 4.20 8.07
CA ALA A 51 -3.28 4.03 8.80
C ALA A 51 -3.16 4.23 10.32
N GLY A 52 -4.29 4.55 10.96
CA GLY A 52 -4.48 4.67 12.41
C GLY A 52 -4.57 3.33 13.16
N LYS A 53 -4.58 2.21 12.43
CA LYS A 53 -4.41 0.84 12.95
C LYS A 53 -2.95 0.65 13.34
N ALA A 54 -2.68 0.77 14.64
CA ALA A 54 -1.36 0.63 15.29
C ALA A 54 -0.21 1.39 14.58
FE1 SF4 B . -1.52 0.48 0.55
FE2 SF4 B . -1.86 -1.37 2.21
FE3 SF4 B . -0.71 -1.69 0.02
FE4 SF4 B . 0.31 -0.61 1.76
S1 SF4 B . -0.10 -2.76 1.92
S2 SF4 B . 0.48 0.04 -0.38
S3 SF4 B . -1.22 0.61 2.80
S4 SF4 B . -2.89 -1.22 0.17
N VAL A 1 -2.09 19.87 7.21
CA VAL A 1 -1.74 19.65 5.79
C VAL A 1 -1.25 18.22 5.59
N THR A 2 -1.86 17.46 4.68
CA THR A 2 -1.58 16.03 4.48
C THR A 2 -1.50 15.66 2.98
N LYS A 3 -0.30 15.32 2.50
CA LYS A 3 0.00 14.68 1.21
C LYS A 3 0.01 13.14 1.32
N LYS A 4 -0.14 12.40 0.21
CA LYS A 4 0.07 10.93 0.15
C LYS A 4 1.56 10.60 0.02
N ALA A 5 1.89 9.35 0.28
CA ALA A 5 3.26 8.84 0.15
C ALA A 5 3.60 8.46 -1.30
N SER A 6 4.79 8.83 -1.78
CA SER A 6 5.36 8.28 -3.03
C SER A 6 5.75 6.81 -2.86
N HIS A 7 5.91 6.07 -3.96
CA HIS A 7 6.37 4.67 -3.91
C HIS A 7 7.80 4.50 -3.34
N LYS A 8 8.60 5.60 -3.29
CA LYS A 8 9.91 5.69 -2.62
C LYS A 8 9.79 5.85 -1.11
N ASP A 9 9.03 6.84 -0.68
CA ASP A 9 8.75 7.12 0.74
C ASP A 9 7.93 6.00 1.41
N ALA A 10 7.09 5.29 0.65
CA ALA A 10 6.33 4.12 1.09
C ALA A 10 7.13 2.81 1.11
N GLY A 11 8.20 2.69 0.30
CA GLY A 11 8.97 1.45 0.20
C GLY A 11 8.27 0.30 -0.53
N TYR A 12 7.59 0.60 -1.64
CA TYR A 12 6.97 -0.40 -2.54
C TYR A 12 7.99 -1.46 -3.01
N GLN A 13 7.52 -2.67 -3.32
CA GLN A 13 8.36 -3.74 -3.87
C GLN A 13 7.60 -4.67 -4.84
N GLU A 14 8.33 -5.13 -5.87
CA GLU A 14 7.87 -6.09 -6.89
C GLU A 14 7.70 -7.55 -6.41
N SER A 15 8.12 -7.81 -5.17
CA SER A 15 8.09 -9.11 -4.49
C SER A 15 7.32 -9.06 -3.16
N PRO A 16 6.87 -10.21 -2.62
CA PRO A 16 6.10 -10.25 -1.38
C PRO A 16 6.98 -10.04 -0.15
N ASN A 17 6.33 -9.78 0.98
CA ASN A 17 6.93 -9.72 2.32
C ASN A 17 6.19 -10.71 3.24
N GLY A 18 6.43 -12.00 3.04
CA GLY A 18 5.74 -13.09 3.72
C GLY A 18 4.25 -13.09 3.37
N ALA A 19 3.40 -12.80 4.36
CA ALA A 19 1.95 -12.66 4.23
C ALA A 19 1.44 -11.20 4.31
N LYS A 20 2.32 -10.19 4.38
CA LYS A 20 1.94 -8.78 4.54
C LYS A 20 1.81 -8.08 3.18
N ARG A 21 0.59 -7.72 2.76
CA ARG A 21 0.35 -6.88 1.56
C ARG A 21 -0.95 -6.07 1.60
N CYS A 22 -1.09 -5.19 0.62
CA CYS A 22 -2.24 -4.35 0.34
C CYS A 22 -3.61 -5.06 0.38
N GLY A 23 -3.75 -6.24 -0.25
CA GLY A 23 -5.01 -7.00 -0.27
C GLY A 23 -5.65 -7.35 1.09
N THR A 24 -4.93 -7.28 2.22
CA THR A 24 -5.50 -7.40 3.59
C THR A 24 -5.14 -6.18 4.46
N CYS A 25 -4.81 -5.04 3.85
CA CYS A 25 -4.45 -3.80 4.52
C CYS A 25 -5.67 -3.02 5.04
N ARG A 26 -5.47 -2.31 6.15
CA ARG A 26 -6.42 -1.37 6.78
C ARG A 26 -6.79 -0.16 5.88
N GLN A 27 -5.96 0.13 4.89
CA GLN A 27 -5.98 1.37 4.07
C GLN A 27 -6.32 1.12 2.59
N PHE A 28 -6.59 -0.12 2.18
CA PHE A 28 -6.52 -0.57 0.79
C PHE A 28 -7.53 0.08 -0.17
N ARG A 29 -8.77 0.33 0.28
CA ARG A 29 -9.86 0.99 -0.48
C ARG A 29 -9.99 0.48 -1.94
N PRO A 30 -10.28 -0.83 -2.11
CA PRO A 30 -10.36 -1.48 -3.42
C PRO A 30 -11.40 -0.85 -4.37
N PRO A 31 -11.29 -1.07 -5.69
CA PRO A 31 -10.35 -2.00 -6.35
C PRO A 31 -8.90 -1.50 -6.54
N SER A 32 -8.63 -0.19 -6.54
CA SER A 32 -7.35 0.34 -7.05
C SER A 32 -6.73 1.56 -6.34
N SER A 33 -7.34 2.12 -5.28
CA SER A 33 -6.84 3.32 -4.59
C SER A 33 -6.64 3.14 -3.08
N CYS A 34 -5.45 2.69 -2.69
CA CYS A 34 -4.92 2.81 -1.32
C CYS A 34 -4.96 4.26 -0.86
N ILE A 35 -5.37 4.52 0.39
CA ILE A 35 -5.36 5.89 0.95
C ILE A 35 -3.97 6.33 1.46
N THR A 36 -2.98 5.44 1.50
CA THR A 36 -1.60 5.76 1.94
C THR A 36 -0.75 6.27 0.80
N VAL A 37 -0.75 5.58 -0.34
CA VAL A 37 0.25 5.75 -1.41
C VAL A 37 -0.34 6.34 -2.70
N GLU A 38 0.51 6.92 -3.55
CA GLU A 38 0.17 7.33 -4.92
C GLU A 38 -0.45 6.18 -5.74
N SER A 39 -1.37 6.52 -6.64
CA SER A 39 -2.36 5.58 -7.22
C SER A 39 -2.57 5.73 -8.74
N PRO A 40 -3.14 4.74 -9.45
CA PRO A 40 -3.67 3.44 -8.99
C PRO A 40 -2.58 2.44 -8.56
N ILE A 41 -3.01 1.37 -7.87
CA ILE A 41 -2.17 0.28 -7.35
C ILE A 41 -2.77 -1.13 -7.56
N SER A 42 -1.99 -2.16 -7.24
CA SER A 42 -2.31 -3.59 -7.36
C SER A 42 -2.72 -4.22 -6.01
N GLU A 43 -3.27 -5.44 -6.01
CA GLU A 43 -3.58 -6.18 -4.78
C GLU A 43 -2.31 -6.67 -4.04
N ASN A 44 -1.17 -6.67 -4.72
CA ASN A 44 0.17 -6.74 -4.15
C ASN A 44 0.90 -5.37 -4.19
N GLY A 45 2.01 -5.26 -3.46
CA GLY A 45 2.89 -4.09 -3.44
C GLY A 45 3.58 -3.88 -2.10
N TRP A 46 2.80 -3.85 -1.02
CA TRP A 46 3.24 -3.58 0.37
C TRP A 46 3.84 -2.17 0.56
N CYS A 47 3.91 -1.71 1.81
CA CYS A 47 4.65 -0.51 2.19
C CYS A 47 5.22 -0.66 3.61
N ARG A 48 6.35 -0.01 3.88
CA ARG A 48 6.90 0.12 5.25
C ARG A 48 5.97 0.91 6.17
N LEU A 49 5.04 1.68 5.59
CA LEU A 49 4.04 2.49 6.27
C LEU A 49 2.76 1.68 6.66
N TYR A 50 2.74 0.36 6.42
CA TYR A 50 1.61 -0.51 6.78
C TYR A 50 1.29 -0.49 8.29
N ALA A 51 0.00 -0.56 8.61
CA ALA A 51 -0.55 -0.40 9.95
C ALA A 51 -0.99 -1.74 10.57
N GLY A 52 -0.84 -1.89 11.89
CA GLY A 52 -1.38 -3.00 12.65
C GLY A 52 -2.91 -3.02 12.62
N LYS A 53 -3.51 -4.21 12.69
CA LYS A 53 -4.97 -4.36 12.59
C LYS A 53 -5.62 -4.00 13.93
N ALA A 54 -6.05 -2.75 14.07
CA ALA A 54 -6.61 -2.16 15.29
C ALA A 54 -8.14 -2.29 15.35
FE1 SF4 B . -1.52 0.86 0.94
FE2 SF4 B . -1.73 -0.80 2.74
FE3 SF4 B . -0.63 -1.37 0.59
FE4 SF4 B . 0.53 -0.09 2.30
S1 SF4 B . 0.00 -2.22 2.59
S2 SF4 B . 0.54 0.36 0.07
S3 SF4 B . -1.11 1.19 3.17
S4 SF4 B . -2.82 -0.90 0.75
N VAL A 1 -6.17 19.39 -0.88
CA VAL A 1 -5.45 18.11 -0.76
C VAL A 1 -4.12 18.17 -1.50
N THR A 2 -3.19 17.26 -1.21
CA THR A 2 -1.98 17.04 -2.01
C THR A 2 -1.70 15.55 -2.26
N LYS A 3 -0.92 15.24 -3.30
CA LYS A 3 -0.56 13.86 -3.68
C LYS A 3 0.18 13.13 -2.56
N LYS A 4 -0.30 11.91 -2.28
CA LYS A 4 0.18 11.05 -1.18
C LYS A 4 1.63 10.59 -1.37
N ALA A 5 2.15 9.98 -0.32
CA ALA A 5 3.51 9.45 -0.27
C ALA A 5 3.77 8.49 -1.47
N SER A 6 4.88 8.71 -2.18
CA SER A 6 5.17 8.04 -3.45
C SER A 6 5.42 6.54 -3.30
N HIS A 7 5.33 5.78 -4.39
CA HIS A 7 5.75 4.35 -4.39
C HIS A 7 7.24 4.14 -4.07
N LYS A 8 8.07 5.18 -4.27
CA LYS A 8 9.45 5.25 -3.77
C LYS A 8 9.49 5.19 -2.24
N ASP A 9 8.81 6.14 -1.61
CA ASP A 9 8.74 6.35 -0.16
C ASP A 9 7.97 5.23 0.57
N ALA A 10 6.95 4.67 -0.08
CA ALA A 10 6.10 3.59 0.41
C ALA A 10 6.87 2.30 0.71
N GLY A 11 7.91 2.01 -0.07
CA GLY A 11 8.54 0.68 -0.11
C GLY A 11 7.83 -0.35 -0.97
N TYR A 12 6.96 0.08 -1.90
CA TYR A 12 6.27 -0.79 -2.87
C TYR A 12 7.27 -1.64 -3.68
N GLN A 13 6.89 -2.86 -4.03
CA GLN A 13 7.80 -3.87 -4.60
C GLN A 13 7.12 -4.86 -5.55
N GLU A 14 7.94 -5.56 -6.33
CA GLU A 14 7.53 -6.55 -7.35
C GLU A 14 7.06 -7.90 -6.78
N SER A 15 7.30 -8.16 -5.49
CA SER A 15 6.89 -9.38 -4.80
C SER A 15 6.56 -9.14 -3.33
N PRO A 16 5.68 -9.96 -2.71
CA PRO A 16 5.28 -9.88 -1.30
C PRO A 16 6.45 -9.75 -0.32
N ASN A 17 6.21 -9.07 0.81
CA ASN A 17 7.15 -9.04 1.94
C ASN A 17 6.96 -10.30 2.81
N GLY A 18 7.28 -11.46 2.22
CA GLY A 18 7.00 -12.77 2.80
C GLY A 18 5.49 -12.95 3.00
N ALA A 19 5.08 -13.16 4.25
CA ALA A 19 3.67 -13.32 4.60
C ALA A 19 2.83 -12.03 4.49
N LYS A 20 3.44 -10.86 4.24
CA LYS A 20 2.77 -9.55 4.24
C LYS A 20 2.66 -8.92 2.85
N ARG A 21 1.43 -8.56 2.47
CA ARG A 21 1.04 -7.82 1.24
C ARG A 21 -0.09 -6.83 1.57
N CYS A 22 -0.54 -6.01 0.62
CA CYS A 22 -1.86 -5.36 0.68
C CYS A 22 -3.01 -6.37 0.50
N GLY A 23 -3.75 -6.32 -0.61
CA GLY A 23 -5.00 -7.04 -0.88
C GLY A 23 -6.19 -6.62 0.02
N THR A 24 -5.97 -6.56 1.34
CA THR A 24 -6.78 -5.83 2.32
C THR A 24 -5.91 -5.19 3.41
N CYS A 25 -6.39 -4.10 4.00
CA CYS A 25 -5.67 -3.22 4.92
C CYS A 25 -6.63 -2.59 5.95
N ARG A 26 -6.23 -1.47 6.56
CA ARG A 26 -7.17 -0.47 7.10
C ARG A 26 -8.08 0.04 5.98
N GLN A 27 -7.51 0.44 4.83
CA GLN A 27 -8.26 0.67 3.59
C GLN A 27 -7.36 0.51 2.35
N PHE A 28 -7.50 -0.59 1.61
CA PHE A 28 -6.95 -0.73 0.26
C PHE A 28 -7.86 -0.13 -0.83
N ARG A 29 -9.17 0.04 -0.52
CA ARG A 29 -10.23 0.59 -1.39
C ARG A 29 -10.12 0.08 -2.84
N PRO A 30 -10.31 -1.24 -3.07
CA PRO A 30 -10.02 -1.89 -4.35
C PRO A 30 -10.81 -1.26 -5.53
N PRO A 31 -10.24 -1.27 -6.75
CA PRO A 31 -9.11 -2.09 -7.16
C PRO A 31 -7.71 -1.55 -6.81
N SER A 32 -7.53 -0.24 -6.60
CA SER A 32 -6.18 0.35 -6.62
C SER A 32 -6.03 1.73 -5.95
N SER A 33 -6.59 1.97 -4.76
CA SER A 33 -6.46 3.27 -4.06
C SER A 33 -6.25 3.15 -2.53
N CYS A 34 -5.00 2.96 -2.10
CA CYS A 34 -4.61 2.97 -0.67
C CYS A 34 -4.76 4.36 -0.04
N ILE A 35 -5.08 4.41 1.26
CA ILE A 35 -5.16 5.67 2.06
C ILE A 35 -3.80 6.25 2.46
N THR A 36 -2.72 5.47 2.36
CA THR A 36 -1.39 5.82 2.87
C THR A 36 -0.44 6.32 1.77
N VAL A 37 -0.59 5.82 0.53
CA VAL A 37 0.36 6.03 -0.57
C VAL A 37 -0.33 6.45 -1.88
N GLU A 38 0.45 6.94 -2.85
CA GLU A 38 -0.05 7.40 -4.17
C GLU A 38 -0.85 6.31 -4.92
N SER A 39 -1.78 6.72 -5.79
CA SER A 39 -2.55 5.81 -6.65
C SER A 39 -2.15 5.96 -8.13
N PRO A 40 -2.25 4.90 -8.96
CA PRO A 40 -2.71 3.54 -8.63
C PRO A 40 -1.71 2.72 -7.79
N ILE A 41 -2.18 1.59 -7.26
CA ILE A 41 -1.40 0.57 -6.54
C ILE A 41 -1.86 -0.86 -6.94
N SER A 42 -0.91 -1.79 -7.08
CA SER A 42 -1.18 -3.22 -7.35
C SER A 42 -1.58 -3.98 -6.07
N GLU A 43 -2.41 -5.03 -6.17
CA GLU A 43 -3.00 -5.69 -4.99
C GLU A 43 -2.04 -6.59 -4.17
N ASN A 44 -0.80 -6.78 -4.64
CA ASN A 44 0.32 -7.25 -3.82
C ASN A 44 0.90 -6.11 -2.96
N GLY A 45 1.17 -4.94 -3.55
CA GLY A 45 1.37 -3.67 -2.84
C GLY A 45 2.48 -3.70 -1.78
N TRP A 46 2.05 -3.59 -0.51
CA TRP A 46 2.80 -3.41 0.74
C TRP A 46 3.42 -2.02 0.95
N CYS A 47 3.30 -1.51 2.18
CA CYS A 47 3.99 -0.31 2.69
C CYS A 47 4.76 -0.59 3.97
N ARG A 48 5.72 0.30 4.27
CA ARG A 48 6.57 0.39 5.49
C ARG A 48 5.80 0.68 6.81
N LEU A 49 4.55 0.23 6.92
CA LEU A 49 3.71 0.29 8.13
C LEU A 49 3.55 1.71 8.71
N TYR A 50 3.56 2.75 7.85
CA TYR A 50 3.42 4.15 8.29
C TYR A 50 2.13 4.36 9.08
N ALA A 51 1.03 3.78 8.59
CA ALA A 51 -0.19 3.52 9.36
C ALA A 51 -0.27 2.04 9.75
N GLY A 52 -0.67 1.78 11.00
CA GLY A 52 -1.09 0.45 11.47
C GLY A 52 -2.41 0.00 10.82
N LYS A 53 -2.67 -1.31 10.80
CA LYS A 53 -3.86 -1.91 10.15
C LYS A 53 -4.92 -2.40 11.14
N ALA A 54 -4.76 -2.05 12.41
CA ALA A 54 -5.76 -2.23 13.46
C ALA A 54 -6.77 -1.06 13.49
FE1 SF4 B . -1.79 0.94 1.85
FE2 SF4 B . -2.33 -0.62 3.54
FE3 SF4 B . -1.24 -1.38 1.51
FE4 SF4 B . 0.05 -0.22 3.29
S1 SF4 B . -0.81 -2.27 3.55
S2 SF4 B . 0.18 0.19 1.07
S3 SF4 B . -1.47 1.25 4.09
S4 SF4 B . -3.33 -0.60 1.53
N VAL A 1 -7.72 14.74 -1.36
CA VAL A 1 -7.27 16.10 -1.75
C VAL A 1 -6.13 16.06 -2.76
N THR A 2 -5.04 15.37 -2.46
CA THR A 2 -3.78 15.33 -3.23
C THR A 2 -3.13 13.93 -3.21
N LYS A 3 -2.17 13.67 -4.09
CA LYS A 3 -1.49 12.36 -4.22
C LYS A 3 -0.46 12.08 -3.10
N LYS A 4 -0.35 10.83 -2.65
CA LYS A 4 0.61 10.37 -1.63
C LYS A 4 1.96 9.98 -2.20
N ALA A 5 2.92 9.66 -1.33
CA ALA A 5 4.33 9.46 -1.68
C ALA A 5 4.52 8.38 -2.77
N SER A 6 5.43 8.65 -3.71
CA SER A 6 5.68 7.77 -4.84
C SER A 6 6.41 6.48 -4.46
N HIS A 7 6.26 5.43 -5.28
CA HIS A 7 6.96 4.15 -5.07
C HIS A 7 8.49 4.25 -5.29
N LYS A 8 8.97 5.32 -5.95
CA LYS A 8 10.37 5.76 -5.93
C LYS A 8 10.75 6.31 -4.56
N ASP A 9 10.04 7.35 -4.12
CA ASP A 9 10.28 8.04 -2.85
C ASP A 9 10.27 7.09 -1.63
N ALA A 10 9.33 6.16 -1.63
CA ALA A 10 9.13 5.13 -0.61
C ALA A 10 9.98 3.85 -0.80
N GLY A 11 10.73 3.74 -1.90
CA GLY A 11 11.64 2.62 -2.17
C GLY A 11 10.94 1.25 -2.21
N TYR A 12 9.78 1.15 -2.85
CA TYR A 12 8.88 -0.03 -2.79
C TYR A 12 9.60 -1.38 -2.99
N GLN A 13 9.32 -2.34 -2.09
CA GLN A 13 9.97 -3.66 -2.03
C GLN A 13 9.60 -4.58 -3.21
N GLU A 14 10.44 -5.56 -3.52
CA GLU A 14 10.21 -6.56 -4.58
C GLU A 14 9.14 -7.62 -4.24
N SER A 15 8.61 -7.59 -3.01
CA SER A 15 8.10 -8.76 -2.29
C SER A 15 6.74 -8.60 -1.57
N PRO A 16 6.09 -9.73 -1.23
CA PRO A 16 5.12 -9.82 -0.15
C PRO A 16 5.85 -9.94 1.20
N ASN A 17 5.39 -9.21 2.20
CA ASN A 17 5.96 -9.29 3.56
C ASN A 17 5.36 -10.52 4.26
N GLY A 18 6.08 -11.65 4.24
CA GLY A 18 5.52 -12.97 4.54
C GLY A 18 4.44 -13.37 3.52
N ALA A 19 3.18 -13.14 3.89
CA ALA A 19 2.02 -13.17 2.99
C ALA A 19 1.19 -11.86 3.01
N LYS A 20 1.62 -10.80 3.71
CA LYS A 20 0.94 -9.49 3.75
C LYS A 20 1.17 -8.66 2.49
N ARG A 21 0.09 -8.08 1.95
CA ARG A 21 0.09 -7.12 0.83
C ARG A 21 -1.21 -6.30 0.80
N CYS A 22 -1.23 -5.23 0.01
CA CYS A 22 -2.40 -4.41 -0.33
C CYS A 22 -3.72 -5.18 -0.54
N GLY A 23 -3.77 -6.19 -1.42
CA GLY A 23 -4.95 -7.04 -1.64
C GLY A 23 -5.48 -7.80 -0.41
N THR A 24 -4.73 -7.87 0.70
CA THR A 24 -5.16 -8.39 2.01
C THR A 24 -4.85 -7.40 3.16
N CYS A 25 -4.82 -6.09 2.86
CA CYS A 25 -4.61 -5.00 3.82
C CYS A 25 -5.89 -4.60 4.58
N ARG A 26 -5.74 -3.71 5.57
CA ARG A 26 -6.82 -3.06 6.33
C ARG A 26 -7.53 -1.96 5.53
N GLN A 27 -6.81 -1.30 4.62
CA GLN A 27 -7.10 0.06 4.18
C GLN A 27 -6.87 0.29 2.67
N PHE A 28 -6.98 -0.79 1.88
CA PHE A 28 -6.85 -0.82 0.43
C PHE A 28 -8.12 -0.37 -0.32
N ARG A 29 -9.31 -0.46 0.33
CA ARG A 29 -10.63 0.00 -0.17
C ARG A 29 -10.84 -0.34 -1.65
N PRO A 30 -11.02 -1.64 -1.99
CA PRO A 30 -10.99 -2.12 -3.36
C PRO A 30 -12.02 -1.44 -4.30
N PRO A 31 -11.71 -1.32 -5.61
CA PRO A 31 -10.63 -2.02 -6.31
C PRO A 31 -9.21 -1.46 -6.15
N SER A 32 -8.99 -0.21 -5.75
CA SER A 32 -7.67 0.43 -5.90
C SER A 32 -7.33 1.62 -4.97
N SER A 33 -8.10 1.96 -3.94
CA SER A 33 -7.91 3.21 -3.18
C SER A 33 -7.16 3.06 -1.85
N CYS A 34 -5.82 3.04 -1.89
CA CYS A 34 -4.98 3.07 -0.67
C CYS A 34 -4.94 4.45 0.00
N ILE A 35 -4.59 4.47 1.29
CA ILE A 35 -4.42 5.67 2.14
C ILE A 35 -2.96 5.90 2.57
N THR A 36 -2.02 5.02 2.22
CA THR A 36 -0.59 5.13 2.60
C THR A 36 0.30 5.59 1.45
N VAL A 37 0.04 5.16 0.21
CA VAL A 37 0.96 5.33 -0.94
C VAL A 37 0.25 5.89 -2.17
N GLU A 38 1.01 6.34 -3.18
CA GLU A 38 0.49 6.81 -4.48
C GLU A 38 -0.62 5.88 -5.05
N SER A 39 -1.81 6.44 -5.21
CA SER A 39 -3.06 5.71 -5.50
C SER A 39 -3.87 6.45 -6.59
N PRO A 40 -4.60 5.77 -7.50
CA PRO A 40 -5.00 4.35 -7.48
C PRO A 40 -3.84 3.36 -7.65
N ILE A 41 -3.88 2.27 -6.87
CA ILE A 41 -2.83 1.26 -6.73
C ILE A 41 -3.32 -0.15 -7.13
N SER A 42 -2.39 -1.00 -7.56
CA SER A 42 -2.58 -2.43 -7.83
C SER A 42 -2.89 -3.24 -6.56
N GLU A 43 -3.27 -4.51 -6.69
CA GLU A 43 -3.42 -5.43 -5.54
C GLU A 43 -2.11 -5.75 -4.78
N ASN A 44 -0.97 -5.22 -5.21
CA ASN A 44 0.36 -5.37 -4.64
C ASN A 44 1.11 -4.02 -4.64
N GLY A 45 1.92 -3.79 -3.60
CA GLY A 45 2.44 -2.44 -3.31
C GLY A 45 2.86 -2.17 -1.85
N TRP A 46 2.97 -3.19 -1.00
CA TRP A 46 2.98 -3.07 0.46
C TRP A 46 4.01 -2.07 1.00
N CYS A 47 3.55 -1.24 1.93
CA CYS A 47 4.23 -0.05 2.43
C CYS A 47 5.00 -0.33 3.74
N ARG A 48 4.26 -0.31 4.84
CA ARG A 48 4.56 -0.79 6.20
C ARG A 48 3.30 -0.98 7.06
N LEU A 49 2.16 -0.42 6.62
CA LEU A 49 0.83 -0.49 7.22
C LEU A 49 0.82 -0.07 8.70
N TYR A 50 0.73 1.24 8.97
CA TYR A 50 0.90 1.86 10.30
C TYR A 50 -0.33 1.71 11.23
N ALA A 51 -1.01 0.57 11.19
CA ALA A 51 -2.22 0.23 11.96
C ALA A 51 -2.01 -1.00 12.87
N GLY A 52 -2.95 -1.25 13.80
CA GLY A 52 -2.92 -2.42 14.70
C GLY A 52 -3.17 -3.74 13.97
N LYS A 53 -4.03 -3.72 12.95
CA LYS A 53 -4.20 -4.80 11.97
C LYS A 53 -3.15 -4.69 10.86
N ALA A 54 -1.97 -5.26 11.12
CA ALA A 54 -0.79 -5.26 10.24
C ALA A 54 0.04 -6.55 10.34
FE1 SF4 B . -1.74 0.63 1.01
FE2 SF4 B . -2.26 -1.30 2.53
FE3 SF4 B . -0.83 -1.50 0.44
FE4 SF4 B . 0.07 -0.49 2.44
S1 SF4 B . -0.45 -2.63 2.36
S2 SF4 B . 0.39 0.26 0.35
S3 SF4 B . -1.67 0.66 3.30
S4 SF4 B . -3.03 -1.02 0.39
N VAL A 1 -5.99 18.93 -1.05
CA VAL A 1 -5.29 18.47 0.16
C VAL A 1 -3.81 18.22 -0.12
N THR A 2 -2.96 18.31 0.90
CA THR A 2 -1.52 18.03 0.78
C THR A 2 -1.25 16.60 0.25
N LYS A 3 -0.17 16.46 -0.52
CA LYS A 3 0.15 15.28 -1.35
C LYS A 3 0.19 13.96 -0.55
N LYS A 4 -0.22 12.85 -1.17
CA LYS A 4 0.04 11.48 -0.70
C LYS A 4 1.54 11.15 -0.65
N ALA A 5 1.90 10.07 0.02
CA ALA A 5 3.26 9.55 0.00
C ALA A 5 3.60 9.01 -1.40
N SER A 6 4.82 9.28 -1.89
CA SER A 6 5.20 8.81 -3.23
C SER A 6 5.46 7.30 -3.26
N HIS A 7 5.29 6.68 -4.44
CA HIS A 7 5.68 5.29 -4.65
C HIS A 7 7.18 5.04 -4.36
N LYS A 8 8.04 6.05 -4.58
CA LYS A 8 9.46 6.06 -4.22
C LYS A 8 9.67 6.02 -2.70
N ASP A 9 9.08 6.96 -1.98
CA ASP A 9 9.16 7.11 -0.53
C ASP A 9 8.54 5.92 0.23
N ALA A 10 7.52 5.27 -0.35
CA ALA A 10 6.92 4.04 0.14
C ALA A 10 7.71 2.77 -0.23
N GLY A 11 8.61 2.83 -1.23
CA GLY A 11 9.47 1.72 -1.64
C GLY A 11 8.72 0.47 -2.12
N TYR A 12 7.63 0.62 -2.88
CA TYR A 12 6.72 -0.49 -3.19
C TYR A 12 7.40 -1.68 -3.90
N GLN A 13 7.03 -2.90 -3.52
CA GLN A 13 7.67 -4.15 -3.96
C GLN A 13 6.76 -5.03 -4.83
N GLU A 14 7.37 -5.98 -5.54
CA GLU A 14 6.67 -6.89 -6.45
C GLU A 14 5.96 -8.05 -5.75
N SER A 15 6.26 -8.30 -4.47
CA SER A 15 5.79 -9.48 -3.71
C SER A 15 5.55 -9.22 -2.21
N PRO A 16 4.62 -9.97 -1.59
CA PRO A 16 4.22 -9.81 -0.18
C PRO A 16 5.37 -9.89 0.83
N ASN A 17 5.31 -9.06 1.87
CA ASN A 17 6.04 -9.22 3.12
C ASN A 17 5.27 -10.20 4.04
N GLY A 18 5.32 -11.49 3.69
CA GLY A 18 4.56 -12.55 4.38
C GLY A 18 3.06 -12.29 4.30
N ALA A 19 2.45 -12.01 5.45
CA ALA A 19 1.04 -11.67 5.56
C ALA A 19 0.69 -10.31 4.93
N LYS A 20 1.64 -9.35 4.94
CA LYS A 20 1.41 -7.97 4.48
C LYS A 20 1.60 -7.83 2.97
N ARG A 21 0.55 -7.39 2.30
CA ARG A 21 0.51 -6.90 0.91
C ARG A 21 -0.63 -5.87 0.82
N CYS A 22 -0.67 -5.03 -0.20
CA CYS A 22 -1.80 -4.11 -0.43
C CYS A 22 -3.16 -4.85 -0.49
N GLY A 23 -3.27 -5.91 -1.30
CA GLY A 23 -4.39 -6.85 -1.33
C GLY A 23 -4.66 -7.68 -0.05
N THR A 24 -4.05 -7.36 1.10
CA THR A 24 -4.47 -7.82 2.45
C THR A 24 -4.57 -6.68 3.46
N CYS A 25 -3.80 -5.60 3.28
CA CYS A 25 -3.78 -4.37 4.07
C CYS A 25 -5.17 -3.78 4.34
N ARG A 26 -5.32 -3.18 5.53
CA ARG A 26 -6.56 -2.56 6.01
C ARG A 26 -6.73 -1.09 5.54
N GLN A 27 -5.84 -0.59 4.69
CA GLN A 27 -5.83 0.78 4.16
C GLN A 27 -5.77 0.86 2.61
N PHE A 28 -5.95 -0.28 1.93
CA PHE A 28 -5.84 -0.39 0.46
C PHE A 28 -7.08 0.09 -0.31
N ARG A 29 -8.25 0.10 0.32
CA ARG A 29 -9.56 0.36 -0.30
C ARG A 29 -9.69 -0.35 -1.66
N PRO A 30 -9.63 -1.71 -1.70
CA PRO A 30 -9.51 -2.48 -2.93
C PRO A 30 -10.59 -2.12 -3.97
N PRO A 31 -10.23 -2.12 -5.27
CA PRO A 31 -9.17 -2.94 -5.86
C PRO A 31 -7.80 -2.27 -6.07
N SER A 32 -7.64 -0.96 -5.83
CA SER A 32 -6.39 -0.25 -6.18
C SER A 32 -6.03 1.05 -5.41
N SER A 33 -6.82 1.53 -4.44
CA SER A 33 -6.74 2.93 -3.96
C SER A 33 -6.24 3.14 -2.51
N CYS A 34 -4.94 2.90 -2.30
CA CYS A 34 -4.29 3.06 -0.98
C CYS A 34 -4.52 4.46 -0.39
N ILE A 35 -4.86 4.54 0.91
CA ILE A 35 -5.14 5.80 1.60
C ILE A 35 -3.88 6.68 1.75
N THR A 36 -2.69 6.08 1.79
CA THR A 36 -1.42 6.78 2.08
C THR A 36 -0.53 6.92 0.84
N VAL A 37 -0.45 5.93 -0.06
CA VAL A 37 0.47 5.95 -1.21
C VAL A 37 -0.24 6.40 -2.49
N GLU A 38 0.43 7.18 -3.34
CA GLU A 38 -0.11 7.65 -4.63
C GLU A 38 -0.62 6.51 -5.53
N SER A 39 -1.89 6.58 -5.93
CA SER A 39 -2.65 5.45 -6.51
C SER A 39 -3.49 5.86 -7.75
N PRO A 40 -3.92 4.93 -8.63
CA PRO A 40 -3.96 3.47 -8.47
C PRO A 40 -2.59 2.77 -8.32
N ILE A 41 -2.51 1.83 -7.38
CA ILE A 41 -1.28 1.11 -6.99
C ILE A 41 -1.46 -0.42 -7.10
N SER A 42 -0.35 -1.16 -7.12
CA SER A 42 -0.30 -2.63 -7.29
C SER A 42 -1.13 -3.38 -6.24
N GLU A 43 -1.72 -4.53 -6.60
CA GLU A 43 -2.42 -5.38 -5.66
C GLU A 43 -1.48 -6.15 -4.71
N ASN A 44 -0.18 -6.22 -5.00
CA ASN A 44 0.84 -6.81 -4.14
C ASN A 44 1.53 -5.72 -3.30
N GLY A 45 2.07 -4.69 -3.95
CA GLY A 45 2.57 -3.44 -3.35
C GLY A 45 3.38 -3.58 -2.05
N TRP A 46 2.75 -3.26 -0.92
CA TRP A 46 3.31 -2.95 0.41
C TRP A 46 4.23 -1.74 0.42
N CYS A 47 3.91 -0.79 1.30
CA CYS A 47 4.71 0.36 1.67
C CYS A 47 5.74 -0.06 2.73
N ARG A 48 5.62 0.47 3.96
CA ARG A 48 6.22 -0.09 5.20
C ARG A 48 5.22 -0.09 6.38
N LEU A 49 3.93 0.12 6.16
CA LEU A 49 2.88 0.20 7.19
C LEU A 49 2.33 -1.18 7.61
N TYR A 50 1.60 -1.23 8.72
CA TYR A 50 1.04 -2.46 9.29
C TYR A 50 -0.29 -2.21 10.04
N ALA A 51 -1.32 -1.76 9.32
CA ALA A 51 -2.67 -1.59 9.88
C ALA A 51 -3.42 -2.94 10.02
N GLY A 52 -3.68 -3.36 11.26
CA GLY A 52 -4.39 -4.59 11.64
C GLY A 52 -3.56 -5.86 11.44
N LYS A 53 -3.16 -6.08 10.18
CA LYS A 53 -2.36 -7.19 9.66
C LYS A 53 -0.89 -7.04 10.09
N ALA A 54 -0.57 -7.56 11.28
CA ALA A 54 0.69 -7.32 11.99
C ALA A 54 1.13 -8.49 12.89
FE1 SF4 B . -1.13 1.18 1.17
FE2 SF4 B . -1.50 -0.78 2.68
FE3 SF4 B . -0.34 -1.03 0.46
FE4 SF4 B . 0.81 -0.03 2.40
S1 SF4 B . 0.23 -2.17 2.34
S2 SF4 B . 0.90 0.74 0.28
S3 SF4 B . -0.82 1.12 3.44
S4 SF4 B . -2.50 -0.48 0.66
#